data_5L38
#
_entry.id   5L38
#
_cell.length_a   93.600
_cell.length_b   93.600
_cell.length_c   192.540
_cell.angle_alpha   90.00
_cell.angle_beta   90.00
_cell.angle_gamma   90.00
#
_symmetry.space_group_name_H-M   'P 43'
#
loop_
_entity.id
_entity.type
_entity.pdbx_description
1 polymer 'MSM0272 - RMM microcompartment shell protein'
2 non-polymer 'SODIUM ION'
3 non-polymer 'CHLORIDE ION'
4 water water
#
_entity_poly.entity_id   1
_entity_poly.type   'polypeptide(L)'
_entity_poly.pdbx_seq_one_letter_code
;MSSNAIGLIETKGYVAALAAADAMVKAANVTITDRQQVGDGLVAVIVTGEVGAVKAATEAGAETASQVGELVSVHVIPRP
HSELGAHFSVSSKLEHHHHHH
;
_entity_poly.pdbx_strand_id   A,B,C,D,E,F,G,H,I,J,K,L
#
loop_
_chem_comp.id
_chem_comp.type
_chem_comp.name
_chem_comp.formula
CL non-polymer 'CHLORIDE ION' 'Cl -1'
NA non-polymer 'SODIUM ION' 'Na 1'
#
# COMPACT_ATOMS: atom_id res chain seq x y z
N SER A 2 2.28 -16.48 56.67
CA SER A 2 2.32 -16.01 55.30
C SER A 2 3.07 -14.69 55.20
N SER A 3 4.02 -14.64 54.29
CA SER A 3 4.82 -13.44 54.08
C SER A 3 5.32 -13.48 52.63
N ASN A 4 4.45 -13.95 51.75
CA ASN A 4 4.83 -14.26 50.38
C ASN A 4 4.19 -13.34 49.34
N ALA A 5 3.66 -12.21 49.78
CA ALA A 5 3.13 -11.22 48.84
C ALA A 5 4.25 -10.68 47.96
N ILE A 6 3.90 -10.36 46.72
CA ILE A 6 4.87 -9.86 45.74
C ILE A 6 4.59 -8.42 45.35
N GLY A 7 5.64 -7.60 45.33
CA GLY A 7 5.55 -6.24 44.82
C GLY A 7 6.40 -6.09 43.58
N LEU A 8 5.84 -5.46 42.55
CA LEU A 8 6.51 -5.38 41.26
C LEU A 8 6.59 -3.96 40.73
N ILE A 9 7.80 -3.54 40.37
CA ILE A 9 8.03 -2.26 39.75
C ILE A 9 8.87 -2.44 38.48
N GLU A 10 8.47 -1.79 37.39
CA GLU A 10 9.28 -1.82 36.17
C GLU A 10 9.46 -0.41 35.64
N THR A 11 10.71 -0.08 35.33
CA THR A 11 11.06 1.26 34.86
C THR A 11 11.88 1.20 33.59
N LYS A 12 12.20 2.37 33.04
CA LYS A 12 13.17 2.48 31.97
C LYS A 12 14.52 2.88 32.56
N GLY A 13 15.48 1.97 32.48
CA GLY A 13 16.83 2.27 32.91
C GLY A 13 17.14 1.80 34.32
N TYR A 14 18.41 1.47 34.53
CA TYR A 14 18.90 0.98 35.81
C TYR A 14 18.75 2.00 36.94
N VAL A 15 19.08 3.27 36.66
CA VAL A 15 19.13 4.29 37.69
C VAL A 15 17.77 4.53 38.34
N ALA A 16 16.72 4.61 37.52
CA ALA A 16 15.37 4.77 38.03
C ALA A 16 14.94 3.53 38.81
N ALA A 17 15.40 2.36 38.37
CA ALA A 17 15.08 1.11 39.03
C ALA A 17 15.80 0.99 40.36
N LEU A 18 17.07 1.41 40.38
CA LEU A 18 17.85 1.42 41.60
C LEU A 18 17.23 2.38 42.61
N ALA A 19 16.88 3.58 42.15
CA ALA A 19 16.19 4.55 43.00
C ALA A 19 14.91 3.96 43.54
N ALA A 20 14.16 3.30 42.66
CA ALA A 20 12.92 2.65 43.06
C ALA A 20 13.18 1.58 44.10
N ALA A 21 14.18 0.73 43.85
CA ALA A 21 14.48 -0.39 44.73
C ALA A 21 14.87 0.10 46.12
N ASP A 22 15.68 1.17 46.13
CA ASP A 22 16.12 1.80 47.37
C ASP A 22 14.92 2.33 48.15
N ALA A 23 13.96 2.93 47.44
CA ALA A 23 12.77 3.49 48.06
C ALA A 23 11.87 2.40 48.65
N MET A 24 11.86 1.23 48.00
CA MET A 24 11.00 0.12 48.43
C MET A 24 11.50 -0.51 49.72
N VAL A 25 12.80 -0.75 49.81
CA VAL A 25 13.36 -1.40 51.01
C VAL A 25 13.41 -0.44 52.20
N LYS A 26 13.43 0.86 51.92
CA LYS A 26 13.36 1.85 52.97
C LYS A 26 11.96 1.93 53.56
N ALA A 27 10.96 1.73 52.69
CA ALA A 27 9.58 2.01 53.03
C ALA A 27 8.97 1.04 54.04
N ALA A 28 9.36 -0.22 53.95
CA ALA A 28 8.68 -1.29 54.68
C ALA A 28 9.57 -2.51 54.82
N ASN A 29 9.15 -3.46 55.64
CA ASN A 29 9.88 -4.71 55.77
C ASN A 29 9.69 -5.60 54.55
N VAL A 30 10.41 -5.30 53.47
CA VAL A 30 10.34 -6.14 52.28
C VAL A 30 11.75 -6.59 51.87
N THR A 31 11.81 -7.64 51.07
CA THR A 31 13.07 -8.18 50.59
C THR A 31 13.09 -8.21 49.07
N ILE A 32 14.17 -7.74 48.45
CA ILE A 32 14.31 -7.83 47.01
C ILE A 32 14.62 -9.28 46.65
N THR A 33 13.80 -9.87 45.78
CA THR A 33 13.99 -11.27 45.43
C THR A 33 14.42 -11.46 43.99
N ASP A 34 14.29 -10.42 43.18
CA ASP A 34 14.66 -10.54 41.78
C ASP A 34 14.89 -9.20 41.11
N ARG A 35 15.72 -9.24 40.07
CA ARG A 35 15.95 -8.10 39.22
C ARG A 35 16.03 -8.62 37.79
N GLN A 36 15.18 -8.10 36.91
CA GLN A 36 15.12 -8.58 35.54
C GLN A 36 15.37 -7.46 34.54
N GLN A 37 16.07 -7.79 33.46
CA GLN A 37 16.44 -6.83 32.43
C GLN A 37 16.16 -7.43 31.06
N VAL A 38 14.99 -7.12 30.52
CA VAL A 38 14.49 -7.86 29.36
C VAL A 38 14.55 -7.07 28.04
N GLY A 39 15.20 -5.92 28.07
CA GLY A 39 15.43 -5.14 26.86
C GLY A 39 14.51 -3.93 26.72
N ASP A 40 14.75 -3.15 25.67
CA ASP A 40 14.03 -1.90 25.40
C ASP A 40 14.12 -0.89 26.56
N GLY A 41 15.21 -0.99 27.33
CA GLY A 41 15.42 -0.06 28.43
C GLY A 41 14.77 -0.49 29.73
N LEU A 42 13.97 -1.56 29.67
CA LEU A 42 13.16 -1.98 30.81
C LEU A 42 14.00 -2.63 31.92
N VAL A 43 13.74 -2.20 33.16
CA VAL A 43 14.34 -2.85 34.33
C VAL A 43 13.29 -3.07 35.41
N ALA A 44 13.25 -4.29 35.95
CA ALA A 44 12.19 -4.64 36.89
C ALA A 44 12.76 -5.02 38.25
N VAL A 45 12.08 -4.56 39.30
CA VAL A 45 12.45 -4.87 40.68
C VAL A 45 11.32 -5.64 41.35
N ILE A 46 11.65 -6.76 41.97
CA ILE A 46 10.65 -7.60 42.60
C ILE A 46 10.91 -7.72 44.10
N VAL A 47 9.90 -7.45 44.92
CA VAL A 47 10.07 -7.61 46.35
C VAL A 47 9.02 -8.54 46.95
N THR A 48 9.34 -9.09 48.11
CA THR A 48 8.40 -9.94 48.84
C THR A 48 8.34 -9.54 50.31
N GLY A 49 7.27 -9.97 50.97
CA GLY A 49 7.01 -9.64 52.37
C GLY A 49 5.52 -9.73 52.66
N GLU A 50 5.10 -9.16 53.80
CA GLU A 50 3.68 -9.11 54.15
C GLU A 50 2.93 -8.21 53.19
N VAL A 51 1.64 -8.48 53.00
CA VAL A 51 0.82 -7.74 52.03
C VAL A 51 0.86 -6.23 52.26
N GLY A 52 0.66 -5.79 53.50
CA GLY A 52 0.69 -4.37 53.81
C GLY A 52 2.05 -3.74 53.54
N ALA A 53 3.11 -4.42 53.95
CA ALA A 53 4.47 -3.98 53.70
C ALA A 53 4.76 -3.85 52.21
N VAL A 54 4.32 -4.85 51.45
CA VAL A 54 4.54 -4.90 50.01
C VAL A 54 3.77 -3.81 49.29
N LYS A 55 2.52 -3.58 49.70
CA LYS A 55 1.73 -2.48 49.17
C LYS A 55 2.43 -1.14 49.42
N ALA A 56 2.95 -0.97 50.63
CA ALA A 56 3.62 0.28 50.99
C ALA A 56 4.93 0.46 50.23
N ALA A 57 5.70 -0.62 50.12
CA ALA A 57 6.96 -0.57 49.38
C ALA A 57 6.70 -0.25 47.91
N THR A 58 5.70 -0.89 47.33
CA THR A 58 5.38 -0.71 45.92
C THR A 58 4.93 0.73 45.63
N GLU A 59 4.11 1.29 46.51
CA GLU A 59 3.70 2.68 46.36
C GLU A 59 4.91 3.60 46.36
N ALA A 60 5.80 3.41 47.32
CA ALA A 60 7.02 4.20 47.42
C ALA A 60 7.91 3.98 46.18
N GLY A 61 7.97 2.74 45.71
CA GLY A 61 8.71 2.42 44.51
C GLY A 61 8.19 3.17 43.28
N ALA A 62 6.87 3.19 43.11
CA ALA A 62 6.27 3.81 41.94
C ALA A 62 6.47 5.31 41.94
N GLU A 63 6.35 5.92 43.13
CA GLU A 63 6.54 7.37 43.27
C GLU A 63 7.95 7.79 42.89
N THR A 64 8.95 7.09 43.43
CA THR A 64 10.33 7.40 43.14
C THR A 64 10.66 7.16 41.67
N ALA A 65 10.17 6.05 41.14
CA ALA A 65 10.38 5.70 39.75
C ALA A 65 9.90 6.81 38.81
N SER A 66 8.74 7.39 39.13
CA SER A 66 8.15 8.44 38.31
C SER A 66 8.96 9.74 38.34
N GLN A 67 9.68 9.94 39.44
CA GLN A 67 10.47 11.16 39.63
C GLN A 67 11.81 11.09 38.90
N VAL A 68 12.47 9.95 39.02
CA VAL A 68 13.79 9.77 38.43
C VAL A 68 13.71 9.51 36.93
N GLY A 69 12.72 8.73 36.51
CA GLY A 69 12.57 8.38 35.11
C GLY A 69 11.15 8.05 34.71
N GLU A 70 11.00 7.00 33.92
CA GLU A 70 9.67 6.59 33.48
C GLU A 70 9.23 5.32 34.19
N LEU A 71 8.06 5.37 34.80
CA LEU A 71 7.44 4.18 35.37
C LEU A 71 6.67 3.44 34.28
N VAL A 72 6.96 2.17 34.11
CA VAL A 72 6.30 1.38 33.09
C VAL A 72 5.18 0.55 33.70
N SER A 73 5.51 -0.24 34.72
CA SER A 73 4.52 -1.09 35.38
C SER A 73 4.61 -1.02 36.90
N VAL A 74 3.46 -1.16 37.54
CA VAL A 74 3.36 -1.26 38.99
C VAL A 74 2.29 -2.29 39.29
N HIS A 75 2.61 -3.26 40.15
CA HIS A 75 1.69 -4.36 40.42
C HIS A 75 1.96 -5.00 41.77
N VAL A 76 0.92 -5.55 42.38
CA VAL A 76 1.05 -6.31 43.61
C VAL A 76 0.36 -7.66 43.47
N ILE A 77 1.00 -8.72 43.94
CA ILE A 77 0.34 -10.02 44.02
C ILE A 77 0.28 -10.46 45.48
N PRO A 78 -0.89 -10.27 46.12
CA PRO A 78 -1.03 -10.58 47.55
C PRO A 78 -0.81 -12.05 47.87
N ARG A 79 -1.38 -12.94 47.06
CA ARG A 79 -1.31 -14.37 47.33
C ARG A 79 -0.96 -15.15 46.06
N PRO A 80 0.34 -15.28 45.77
CA PRO A 80 0.88 -15.93 44.59
C PRO A 80 0.48 -17.40 44.51
N HIS A 81 0.16 -17.86 43.30
CA HIS A 81 -0.11 -19.27 43.06
C HIS A 81 1.06 -20.10 43.57
N SER A 82 0.75 -21.29 44.09
CA SER A 82 1.77 -22.13 44.72
C SER A 82 2.88 -22.56 43.75
N GLU A 83 2.60 -22.52 42.46
CA GLU A 83 3.55 -22.97 41.44
C GLU A 83 4.34 -21.82 40.82
N LEU A 84 4.03 -20.59 41.21
CA LEU A 84 4.59 -19.43 40.53
C LEU A 84 6.11 -19.39 40.69
N GLY A 85 6.60 -19.73 41.88
CA GLY A 85 8.00 -19.63 42.21
C GLY A 85 8.94 -20.62 41.54
N ALA A 86 8.37 -21.55 40.76
CA ALA A 86 9.15 -22.63 40.17
C ALA A 86 9.91 -22.17 38.95
N HIS A 87 9.72 -20.91 38.61
CA HIS A 87 9.75 -20.55 37.21
C HIS A 87 9.82 -19.05 37.10
N PHE A 88 9.64 -18.43 38.26
CA PHE A 88 9.96 -17.04 38.51
C PHE A 88 10.55 -16.95 39.90
N SER A 89 11.50 -16.04 40.11
CA SER A 89 12.09 -15.86 41.43
C SER A 89 11.26 -14.88 42.27
N VAL A 90 10.43 -15.42 43.15
CA VAL A 90 9.57 -14.57 43.97
C VAL A 90 9.68 -14.93 45.45
N SER A 91 10.76 -15.62 45.80
CA SER A 91 11.01 -16.02 47.18
C SER A 91 12.36 -15.50 47.65
N SER A 92 12.46 -15.20 48.93
CA SER A 92 13.70 -14.68 49.50
C SER A 92 14.81 -15.73 49.48
N SER B 3 29.64 10.70 53.78
CA SER B 3 30.51 10.35 52.67
C SER B 3 30.08 9.06 51.97
N ASN B 4 28.85 8.63 52.22
CA ASN B 4 28.33 7.41 51.59
C ASN B 4 27.21 7.69 50.60
N ALA B 5 27.06 8.94 50.20
CA ALA B 5 26.10 9.30 49.16
C ALA B 5 26.55 8.73 47.83
N ILE B 6 25.59 8.36 46.99
CA ILE B 6 25.93 7.89 45.65
C ILE B 6 25.32 8.77 44.58
N GLY B 7 26.03 8.87 43.46
CA GLY B 7 25.57 9.62 42.32
C GLY B 7 25.57 8.71 41.11
N LEU B 8 24.52 8.82 40.30
CA LEU B 8 24.35 7.92 39.18
C LEU B 8 24.22 8.65 37.86
N ILE B 9 24.97 8.15 36.87
CA ILE B 9 24.87 8.60 35.49
C ILE B 9 24.58 7.40 34.61
N GLU B 10 23.53 7.49 33.79
CA GLU B 10 23.22 6.41 32.86
C GLU B 10 23.16 6.94 31.44
N THR B 11 23.87 6.26 30.54
CA THR B 11 23.91 6.66 29.14
C THR B 11 23.47 5.52 28.23
N LYS B 12 23.20 5.84 26.98
CA LYS B 12 22.93 4.81 25.98
C LYS B 12 24.15 4.66 25.08
N GLY B 13 25.20 4.04 25.62
CA GLY B 13 26.46 3.92 24.90
C GLY B 13 27.66 3.96 25.84
N TYR B 14 28.66 3.13 25.54
CA TYR B 14 29.82 2.98 26.42
C TYR B 14 30.65 4.26 26.49
N VAL B 15 30.91 4.86 25.33
CA VAL B 15 31.81 6.00 25.24
C VAL B 15 31.33 7.18 26.08
N ALA B 16 30.05 7.52 25.92
CA ALA B 16 29.46 8.61 26.70
C ALA B 16 29.54 8.33 28.21
N ALA B 17 29.45 7.06 28.58
CA ALA B 17 29.55 6.66 29.97
C ALA B 17 30.97 6.82 30.50
N LEU B 18 31.94 6.33 29.73
CA LEU B 18 33.34 6.45 30.11
C LEU B 18 33.74 7.93 30.19
N ALA B 19 33.31 8.70 29.19
CA ALA B 19 33.57 10.14 29.18
C ALA B 19 32.97 10.81 30.42
N ALA B 20 31.79 10.35 30.83
CA ALA B 20 31.12 10.91 32.00
C ALA B 20 31.82 10.53 33.29
N ALA B 21 32.30 9.29 33.34
CA ALA B 21 32.98 8.79 34.52
C ALA B 21 34.24 9.60 34.82
N ASP B 22 35.02 9.88 33.79
CA ASP B 22 36.27 10.60 33.95
C ASP B 22 35.97 12.04 34.35
N ALA B 23 34.94 12.62 33.74
CA ALA B 23 34.56 13.99 34.03
C ALA B 23 34.10 14.13 35.49
N MET B 24 33.49 13.07 36.02
CA MET B 24 33.01 13.10 37.39
C MET B 24 34.15 13.10 38.41
N VAL B 25 35.10 12.17 38.28
CA VAL B 25 36.21 12.10 39.23
C VAL B 25 37.17 13.28 39.06
N LYS B 26 37.14 13.91 37.89
CA LYS B 26 37.92 15.12 37.67
C LYS B 26 37.31 16.29 38.44
N ALA B 27 35.99 16.34 38.48
CA ALA B 27 35.28 17.52 38.98
C ALA B 27 35.15 17.53 40.49
N ALA B 28 35.16 16.34 41.11
CA ALA B 28 35.06 16.26 42.56
C ALA B 28 35.76 15.01 43.09
N ASN B 29 36.04 15.00 44.39
CA ASN B 29 36.76 13.91 45.03
C ASN B 29 35.88 12.69 45.29
N VAL B 30 35.21 12.21 44.26
CA VAL B 30 34.34 11.05 44.41
C VAL B 30 35.06 9.79 43.93
N THR B 31 34.52 8.63 44.30
CA THR B 31 35.12 7.36 43.93
C THR B 31 34.14 6.56 43.10
N ILE B 32 34.60 6.11 41.93
CA ILE B 32 33.79 5.22 41.10
C ILE B 32 33.69 3.87 41.81
N THR B 33 32.48 3.46 42.13
CA THR B 33 32.29 2.26 42.92
C THR B 33 31.53 1.15 42.19
N ASP B 34 30.90 1.48 41.07
CA ASP B 34 30.14 0.48 40.34
C ASP B 34 29.88 0.85 38.89
N ARG B 35 29.64 -0.17 38.07
CA ARG B 35 29.40 0.00 36.64
C ARG B 35 28.37 -1.01 36.18
N GLN B 36 27.19 -0.54 35.79
CA GLN B 36 26.10 -1.42 35.42
C GLN B 36 25.69 -1.25 33.96
N GLN B 37 25.51 -2.37 33.28
CA GLN B 37 25.06 -2.38 31.89
C GLN B 37 23.85 -3.32 31.73
N VAL B 38 22.66 -2.75 31.58
CA VAL B 38 21.43 -3.55 31.59
C VAL B 38 20.92 -3.88 30.19
N GLY B 39 21.78 -3.73 29.19
CA GLY B 39 21.44 -4.11 27.83
C GLY B 39 20.82 -2.98 27.02
N ASP B 40 20.72 -3.21 25.73
CA ASP B 40 20.20 -2.21 24.78
C ASP B 40 20.95 -0.90 24.85
N GLY B 41 22.26 -0.98 25.09
CA GLY B 41 23.13 0.18 25.03
C GLY B 41 23.25 0.96 26.33
N LEU B 42 22.47 0.59 27.34
CA LEU B 42 22.45 1.31 28.61
C LEU B 42 23.68 1.00 29.47
N VAL B 43 24.39 2.05 29.88
CA VAL B 43 25.51 1.92 30.81
C VAL B 43 25.33 2.89 31.97
N ALA B 44 25.50 2.38 33.19
CA ALA B 44 25.36 3.22 34.37
C ALA B 44 26.67 3.29 35.15
N VAL B 45 27.07 4.51 35.50
CA VAL B 45 28.24 4.71 36.34
C VAL B 45 27.82 5.22 37.70
N ILE B 46 28.30 4.56 38.75
CA ILE B 46 27.94 4.93 40.11
C ILE B 46 29.17 5.41 40.86
N VAL B 47 29.10 6.63 41.39
CA VAL B 47 30.17 7.18 42.20
C VAL B 47 29.72 7.38 43.64
N THR B 48 30.69 7.41 44.56
CA THR B 48 30.39 7.55 45.99
C THR B 48 31.23 8.65 46.63
N GLY B 49 30.58 9.46 47.49
CA GLY B 49 31.27 10.47 48.26
C GLY B 49 30.33 11.30 49.11
N GLU B 50 30.83 12.45 49.59
CA GLU B 50 29.99 13.40 50.32
C GLU B 50 28.92 13.94 49.39
N VAL B 51 27.73 14.19 49.93
CA VAL B 51 26.56 14.59 49.14
C VAL B 51 26.84 15.79 48.23
N GLY B 52 27.52 16.79 48.77
CA GLY B 52 27.77 18.00 48.02
C GLY B 52 28.63 17.76 46.79
N ALA B 53 29.56 16.82 46.89
CA ALA B 53 30.50 16.59 45.80
C ALA B 53 30.00 15.56 44.79
N VAL B 54 29.17 14.62 45.23
CA VAL B 54 28.56 13.69 44.29
C VAL B 54 27.56 14.46 43.41
N LYS B 55 26.99 15.53 43.96
CA LYS B 55 26.11 16.40 43.19
C LYS B 55 26.90 17.16 42.15
N ALA B 56 28.05 17.70 42.53
CA ALA B 56 28.92 18.42 41.61
C ALA B 56 29.44 17.47 40.53
N ALA B 57 29.80 16.27 40.95
CA ALA B 57 30.28 15.25 40.03
C ALA B 57 29.22 14.88 39.00
N THR B 58 28.00 14.60 39.46
CA THR B 58 26.94 14.15 38.55
C THR B 58 26.54 15.27 37.60
N GLU B 59 26.65 16.51 38.06
CA GLU B 59 26.39 17.65 37.19
C GLU B 59 27.41 17.70 36.05
N ALA B 60 28.67 17.45 36.37
CA ALA B 60 29.72 17.45 35.36
C ALA B 60 29.58 16.23 34.46
N GLY B 61 29.22 15.09 35.07
CA GLY B 61 29.01 13.87 34.32
C GLY B 61 27.86 13.98 33.33
N ALA B 62 26.76 14.59 33.78
CA ALA B 62 25.58 14.75 32.94
C ALA B 62 25.89 15.64 31.75
N GLU B 63 26.61 16.73 32.00
CA GLU B 63 27.00 17.65 30.95
C GLU B 63 27.83 16.96 29.87
N THR B 64 28.85 16.22 30.29
CA THR B 64 29.74 15.53 29.37
C THR B 64 29.02 14.42 28.62
N ALA B 65 28.16 13.69 29.33
CA ALA B 65 27.39 12.61 28.72
C ALA B 65 26.51 13.12 27.58
N SER B 66 25.88 14.27 27.78
CA SER B 66 25.01 14.86 26.76
C SER B 66 25.79 15.31 25.53
N GLN B 67 26.98 15.87 25.76
CA GLN B 67 27.84 16.31 24.65
C GLN B 67 28.36 15.13 23.84
N VAL B 68 28.80 14.08 24.52
CA VAL B 68 29.45 12.95 23.86
C VAL B 68 28.46 11.98 23.22
N GLY B 69 27.38 11.68 23.93
CA GLY B 69 26.37 10.76 23.41
C GLY B 69 24.97 11.04 23.92
N GLU B 70 24.30 10.00 24.37
CA GLU B 70 22.93 10.15 24.86
C GLU B 70 22.83 9.88 26.35
N LEU B 71 22.52 10.92 27.11
CA LEU B 71 22.26 10.79 28.54
C LEU B 71 20.86 10.25 28.77
N VAL B 72 20.74 9.25 29.63
CA VAL B 72 19.46 8.62 29.91
C VAL B 72 18.92 9.03 31.27
N SER B 73 19.78 9.02 32.28
CA SER B 73 19.37 9.36 33.64
C SER B 73 20.51 9.95 34.45
N VAL B 74 20.17 10.84 35.38
CA VAL B 74 21.11 11.35 36.37
C VAL B 74 20.39 11.49 37.70
N HIS B 75 20.99 10.97 38.76
CA HIS B 75 20.33 10.96 40.06
C HIS B 75 21.34 10.94 41.20
N VAL B 76 20.92 11.46 42.34
CA VAL B 76 21.72 11.40 43.56
C VAL B 76 20.90 10.81 44.70
N ILE B 77 21.49 9.86 45.40
CA ILE B 77 20.86 9.32 46.60
C ILE B 77 21.77 9.60 47.80
N PRO B 78 21.42 10.60 48.62
CA PRO B 78 22.23 11.07 49.74
C PRO B 78 22.53 9.96 50.75
N ARG B 79 21.49 9.24 51.14
CA ARG B 79 21.65 8.13 52.06
C ARG B 79 20.97 6.89 51.50
N PRO B 80 21.70 6.11 50.69
CA PRO B 80 21.16 4.84 50.19
C PRO B 80 20.96 3.86 51.34
N HIS B 81 20.10 2.87 51.16
CA HIS B 81 19.81 1.91 52.22
C HIS B 81 21.06 1.09 52.51
N SER B 82 21.01 0.27 53.56
CA SER B 82 22.13 -0.59 53.90
C SER B 82 21.94 -2.01 53.42
N GLU B 83 20.94 -2.23 52.57
CA GLU B 83 20.69 -3.58 52.07
C GLU B 83 20.78 -3.63 50.57
N LEU B 84 19.68 -3.26 49.91
CA LEU B 84 19.53 -3.46 48.46
C LEU B 84 19.76 -4.94 48.16
N GLY B 85 21.00 -5.41 48.34
CA GLY B 85 21.26 -6.84 48.34
C GLY B 85 22.17 -7.29 47.22
N ALA B 86 22.12 -8.58 46.91
CA ALA B 86 22.96 -9.17 45.88
C ALA B 86 22.47 -8.82 44.48
N HIS B 87 21.29 -8.22 44.39
CA HIS B 87 20.71 -7.87 43.09
C HIS B 87 20.98 -6.42 42.73
N PHE B 88 21.23 -5.60 43.75
CA PHE B 88 21.57 -4.20 43.53
C PHE B 88 22.77 -3.79 44.37
N SER C 2 54.13 10.84 27.58
CA SER C 2 53.36 10.02 28.52
C SER C 2 52.62 8.90 27.80
N SER C 3 52.06 9.21 26.63
CA SER C 3 51.34 8.24 25.80
C SER C 3 50.17 7.56 26.50
N ASN C 4 49.39 8.33 27.25
CA ASN C 4 48.24 7.77 27.96
C ASN C 4 46.92 8.48 27.65
N ALA C 5 46.92 9.27 26.59
CA ALA C 5 45.68 9.86 26.10
C ALA C 5 44.79 8.75 25.51
N ILE C 6 43.50 8.90 25.70
CA ILE C 6 42.52 7.91 25.25
C ILE C 6 41.72 8.42 24.05
N GLY C 7 41.55 7.56 23.05
CA GLY C 7 40.71 7.87 21.92
C GLY C 7 39.53 6.92 21.87
N LEU C 8 38.33 7.45 21.67
CA LEU C 8 37.12 6.65 21.78
C LEU C 8 36.22 6.79 20.55
N ILE C 9 35.83 5.65 20.00
CA ILE C 9 34.88 5.60 18.90
C ILE C 9 33.78 4.61 19.23
N GLU C 10 32.53 5.04 19.10
CA GLU C 10 31.41 4.12 19.25
C GLU C 10 30.54 4.14 18.00
N THR C 11 30.27 2.96 17.47
CA THR C 11 29.43 2.83 16.29
C THR C 11 28.19 2.03 16.55
N LYS C 12 27.32 2.00 15.56
CA LYS C 12 26.28 0.98 15.51
C LYS C 12 26.57 0.01 14.39
N GLY C 13 26.65 -1.26 14.76
CA GLY C 13 27.06 -2.27 13.82
C GLY C 13 28.50 -2.61 14.08
N TYR C 14 28.79 -3.90 14.07
CA TYR C 14 30.13 -4.38 14.26
C TYR C 14 31.04 -4.04 13.07
N VAL C 15 30.49 -4.09 11.87
CA VAL C 15 31.29 -3.88 10.66
C VAL C 15 31.84 -2.47 10.60
N ALA C 16 31.02 -1.48 10.96
CA ALA C 16 31.48 -0.09 11.00
C ALA C 16 32.57 0.09 12.06
N ALA C 17 32.46 -0.66 13.15
CA ALA C 17 33.44 -0.54 14.24
C ALA C 17 34.78 -1.15 13.85
N LEU C 18 34.75 -2.32 13.23
CA LEU C 18 35.97 -3.01 12.84
C LEU C 18 36.71 -2.21 11.78
N ALA C 19 35.96 -1.70 10.80
CA ALA C 19 36.50 -0.81 9.79
C ALA C 19 37.11 0.43 10.42
N ALA C 20 36.40 1.02 11.39
CA ALA C 20 36.90 2.21 12.07
C ALA C 20 38.16 1.90 12.86
N ALA C 21 38.14 0.77 13.56
CA ALA C 21 39.29 0.34 14.36
C ALA C 21 40.53 0.20 13.49
N ASP C 22 40.34 -0.31 12.28
CA ASP C 22 41.43 -0.52 11.35
C ASP C 22 41.99 0.82 10.89
N ALA C 23 41.10 1.76 10.61
CA ALA C 23 41.52 3.10 10.20
C ALA C 23 42.26 3.79 11.34
N MET C 24 41.86 3.52 12.58
CA MET C 24 42.45 4.22 13.73
C MET C 24 43.92 3.85 13.94
N VAL C 25 44.26 2.58 13.87
CA VAL C 25 45.64 2.15 14.06
C VAL C 25 46.51 2.46 12.84
N LYS C 26 45.88 2.61 11.69
CA LYS C 26 46.60 2.97 10.47
C LYS C 26 46.93 4.45 10.45
N ALA C 27 46.10 5.24 11.11
CA ALA C 27 46.19 6.69 11.02
C ALA C 27 47.32 7.28 11.85
N ALA C 28 47.76 6.56 12.87
CA ALA C 28 48.72 7.11 13.83
C ALA C 28 49.33 6.04 14.71
N ASN C 29 50.26 6.46 15.58
CA ASN C 29 50.89 5.57 16.52
C ASN C 29 50.02 5.38 17.75
N VAL C 30 48.95 4.62 17.58
CA VAL C 30 48.05 4.33 18.68
C VAL C 30 47.92 2.82 18.86
N THR C 31 47.46 2.41 20.03
CA THR C 31 47.30 1.00 20.34
C THR C 31 45.87 0.73 20.80
N ILE C 32 45.22 -0.25 20.16
CA ILE C 32 43.89 -0.67 20.59
C ILE C 32 43.97 -1.27 21.98
N THR C 33 43.27 -0.65 22.93
CA THR C 33 43.32 -1.06 24.32
C THR C 33 42.06 -1.81 24.74
N ASP C 34 40.91 -1.37 24.28
CA ASP C 34 39.66 -1.98 24.71
C ASP C 34 38.64 -2.07 23.57
N ARG C 35 37.66 -2.94 23.79
CA ARG C 35 36.57 -3.13 22.86
C ARG C 35 35.32 -3.46 23.68
N GLN C 36 34.26 -2.68 23.49
CA GLN C 36 33.03 -2.87 24.25
C GLN C 36 31.82 -2.98 23.34
N GLN C 37 30.87 -3.84 23.72
CA GLN C 37 29.62 -4.03 23.00
C GLN C 37 28.46 -4.09 23.99
N VAL C 38 27.80 -2.97 24.24
CA VAL C 38 26.84 -2.90 25.34
C VAL C 38 25.38 -3.06 24.91
N GLY C 39 25.17 -3.54 23.69
CA GLY C 39 23.83 -3.84 23.20
C GLY C 39 23.25 -2.76 22.32
N ASP C 40 22.15 -3.08 21.64
CA ASP C 40 21.46 -2.17 20.72
C ASP C 40 22.34 -1.76 19.54
N GLY C 41 23.21 -2.68 19.11
CA GLY C 41 24.05 -2.43 17.95
C GLY C 41 25.35 -1.70 18.26
N LEU C 42 25.47 -1.17 19.48
CA LEU C 42 26.59 -0.31 19.83
C LEU C 42 27.90 -1.08 20.02
N VAL C 43 28.93 -0.65 19.29
CA VAL C 43 30.26 -1.22 19.46
C VAL C 43 31.27 -0.10 19.71
N ALA C 44 32.06 -0.23 20.77
CA ALA C 44 33.01 0.81 21.11
C ALA C 44 34.44 0.32 20.92
N VAL C 45 35.28 1.20 20.39
CA VAL C 45 36.69 0.92 20.21
C VAL C 45 37.50 1.97 20.94
N ILE C 46 38.48 1.53 21.71
CA ILE C 46 39.27 2.43 22.55
C ILE C 46 40.76 2.30 22.23
N VAL C 47 41.40 3.41 21.92
CA VAL C 47 42.83 3.40 21.64
C VAL C 47 43.59 4.33 22.59
N THR C 48 44.89 4.06 22.74
CA THR C 48 45.72 4.86 23.61
C THR C 48 47.00 5.28 22.89
N GLY C 49 47.65 6.31 23.41
CA GLY C 49 48.86 6.84 22.81
C GLY C 49 49.01 8.31 23.15
N GLU C 50 49.95 8.98 22.48
CA GLU C 50 50.13 10.42 22.66
C GLU C 50 48.88 11.16 22.18
N VAL C 51 48.67 12.35 22.71
CA VAL C 51 47.45 13.10 22.45
C VAL C 51 47.25 13.40 20.97
N GLY C 52 48.31 13.85 20.30
CA GLY C 52 48.23 14.17 18.89
C GLY C 52 47.86 12.97 18.04
N ALA C 53 48.45 11.82 18.37
CA ALA C 53 48.18 10.59 17.64
C ALA C 53 46.75 10.13 17.87
N VAL C 54 46.30 10.19 19.12
CA VAL C 54 44.95 9.80 19.49
C VAL C 54 43.92 10.69 18.77
N LYS C 55 44.20 11.99 18.70
CA LYS C 55 43.38 12.92 17.93
C LYS C 55 43.26 12.48 16.47
N ALA C 56 44.41 12.19 15.86
CA ALA C 56 44.43 11.78 14.46
C ALA C 56 43.71 10.45 14.27
N ALA C 57 43.89 9.55 15.22
CA ALA C 57 43.25 8.24 15.15
C ALA C 57 41.71 8.35 15.18
N THR C 58 41.18 9.18 16.06
CA THR C 58 39.73 9.28 16.23
C THR C 58 39.05 9.95 15.04
N GLU C 59 39.71 10.95 14.45
CA GLU C 59 39.15 11.60 13.27
C GLU C 59 39.08 10.66 12.07
N ALA C 60 40.08 9.80 11.93
CA ALA C 60 40.08 8.81 10.87
C ALA C 60 39.05 7.73 11.14
N GLY C 61 38.94 7.34 12.41
CA GLY C 61 37.96 6.35 12.81
C GLY C 61 36.55 6.85 12.61
N ALA C 62 36.33 8.13 12.87
CA ALA C 62 35.00 8.73 12.75
C ALA C 62 34.56 8.79 11.31
N GLU C 63 35.48 9.19 10.44
CA GLU C 63 35.22 9.27 9.01
C GLU C 63 34.83 7.91 8.44
N THR C 64 35.63 6.88 8.77
CA THR C 64 35.38 5.54 8.25
C THR C 64 34.05 4.99 8.76
N ALA C 65 33.78 5.21 10.04
CA ALA C 65 32.53 4.76 10.65
C ALA C 65 31.31 5.35 9.97
N SER C 66 31.39 6.64 9.60
CA SER C 66 30.30 7.32 8.93
C SER C 66 30.10 6.80 7.50
N GLN C 67 31.19 6.33 6.89
CA GLN C 67 31.13 5.77 5.54
C GLN C 67 30.53 4.37 5.53
N VAL C 68 30.99 3.54 6.45
CA VAL C 68 30.61 2.14 6.48
C VAL C 68 29.26 1.92 7.16
N GLY C 69 29.06 2.56 8.31
CA GLY C 69 27.83 2.42 9.07
C GLY C 69 27.31 3.74 9.62
N GLU C 70 27.04 3.75 10.92
CA GLU C 70 26.58 4.97 11.57
C GLU C 70 27.39 5.29 12.81
N LEU C 71 27.95 6.50 12.83
CA LEU C 71 28.77 6.93 13.95
C LEU C 71 27.88 7.38 15.11
N VAL C 72 28.19 6.90 16.30
CA VAL C 72 27.45 7.28 17.51
C VAL C 72 28.22 8.35 18.29
N SER C 73 29.43 8.00 18.73
CA SER C 73 30.23 8.91 19.55
C SER C 73 31.69 8.91 19.13
N VAL C 74 32.31 10.09 19.19
CA VAL C 74 33.75 10.21 19.08
C VAL C 74 34.24 11.11 20.21
N HIS C 75 35.27 10.68 20.91
CA HIS C 75 35.76 11.43 22.06
C HIS C 75 37.24 11.17 22.30
N VAL C 76 37.89 12.17 22.87
CA VAL C 76 39.30 12.08 23.24
C VAL C 76 39.47 12.56 24.68
N ILE C 77 40.18 11.78 25.47
CA ILE C 77 40.54 12.21 26.82
C ILE C 77 42.05 12.33 26.90
N PRO C 78 42.56 13.58 26.89
CA PRO C 78 43.99 13.88 26.93
C PRO C 78 44.71 13.29 28.14
N ARG C 79 44.17 13.53 29.33
CA ARG C 79 44.78 13.05 30.56
C ARG C 79 43.74 12.40 31.46
N PRO C 80 43.51 11.10 31.29
CA PRO C 80 42.53 10.39 32.10
C PRO C 80 42.89 10.41 33.58
N HIS C 81 41.86 10.39 34.43
CA HIS C 81 42.03 10.36 35.87
C HIS C 81 42.84 9.13 36.29
N SER C 82 43.68 9.30 37.31
CA SER C 82 44.60 8.27 37.76
C SER C 82 43.95 6.92 38.10
N GLU C 83 42.71 6.94 38.58
CA GLU C 83 42.05 5.69 38.93
C GLU C 83 40.87 5.37 38.01
N LEU C 84 40.90 5.96 36.82
CA LEU C 84 39.88 5.66 35.81
C LEU C 84 40.05 4.25 35.28
N GLY C 85 41.31 3.82 35.17
CA GLY C 85 41.64 2.53 34.62
C GLY C 85 41.44 1.36 35.56
N ALA C 86 40.70 1.57 36.64
CA ALA C 86 40.42 0.50 37.59
C ALA C 86 39.02 -0.06 37.38
N HIS C 87 38.13 0.79 36.89
CA HIS C 87 36.78 0.35 36.54
C HIS C 87 36.57 0.41 35.04
N PHE C 88 37.60 0.82 34.31
CA PHE C 88 37.53 0.95 32.86
C PHE C 88 38.88 0.62 32.20
N SER C 89 38.90 -0.44 31.39
CA SER C 89 40.12 -0.86 30.71
C SER C 89 40.62 0.19 29.71
N VAL C 90 41.60 0.99 30.14
CA VAL C 90 42.12 2.06 29.28
C VAL C 90 43.65 2.15 29.27
N SER C 91 44.31 1.05 29.68
CA SER C 91 45.77 1.03 29.74
C SER C 91 46.38 0.77 28.37
N SER D 3 47.11 -13.78 1.62
CA SER D 3 45.71 -14.06 1.91
C SER D 3 45.31 -13.47 3.26
N ASN D 4 45.22 -12.15 3.31
CA ASN D 4 44.96 -11.45 4.57
C ASN D 4 43.74 -10.55 4.54
N ALA D 5 43.17 -10.36 3.36
CA ALA D 5 42.02 -9.46 3.19
C ALA D 5 40.82 -9.91 4.00
N ILE D 6 39.97 -8.96 4.37
CA ILE D 6 38.80 -9.23 5.18
C ILE D 6 37.52 -8.80 4.47
N GLY D 7 36.54 -9.69 4.43
CA GLY D 7 35.23 -9.36 3.90
C GLY D 7 34.21 -9.23 5.01
N LEU D 8 33.48 -8.12 5.02
CA LEU D 8 32.54 -7.83 6.11
C LEU D 8 31.11 -7.67 5.61
N ILE D 9 30.20 -8.45 6.18
CA ILE D 9 28.78 -8.34 5.89
C ILE D 9 27.98 -8.23 7.19
N GLU D 10 27.10 -7.23 7.28
CA GLU D 10 26.23 -7.09 8.43
C GLU D 10 24.77 -6.99 7.99
N THR D 11 23.92 -7.81 8.61
CA THR D 11 22.50 -7.89 8.25
C THR D 11 21.59 -7.74 9.45
N LYS D 12 20.29 -7.69 9.18
CA LYS D 12 19.28 -7.79 10.24
C LYS D 12 18.71 -9.19 10.26
N GLY D 13 18.87 -9.87 11.40
CA GLY D 13 18.35 -11.23 11.54
C GLY D 13 19.37 -12.31 11.25
N TYR D 14 19.19 -13.46 11.89
CA TYR D 14 20.10 -14.59 11.71
C TYR D 14 19.99 -15.22 10.33
N VAL D 15 18.78 -15.23 9.78
CA VAL D 15 18.52 -15.95 8.53
C VAL D 15 19.20 -15.27 7.34
N ALA D 16 19.03 -13.95 7.22
CA ALA D 16 19.75 -13.19 6.20
C ALA D 16 21.27 -13.36 6.34
N ALA D 17 21.74 -13.43 7.59
CA ALA D 17 23.17 -13.57 7.84
C ALA D 17 23.69 -14.95 7.42
N LEU D 18 22.95 -15.99 7.78
CA LEU D 18 23.34 -17.36 7.44
C LEU D 18 23.28 -17.56 5.93
N ALA D 19 22.26 -16.99 5.29
CA ALA D 19 22.13 -17.05 3.84
C ALA D 19 23.33 -16.39 3.19
N ALA D 20 23.68 -15.20 3.69
CA ALA D 20 24.81 -14.46 3.17
C ALA D 20 26.13 -15.21 3.37
N ALA D 21 26.30 -15.80 4.55
CA ALA D 21 27.51 -16.56 4.86
C ALA D 21 27.65 -17.74 3.91
N ASP D 22 26.54 -18.42 3.67
CA ASP D 22 26.52 -19.55 2.77
C ASP D 22 26.95 -19.14 1.37
N ALA D 23 26.42 -18.00 0.91
CA ALA D 23 26.75 -17.50 -0.41
C ALA D 23 28.22 -17.14 -0.53
N MET D 24 28.80 -16.62 0.56
CA MET D 24 30.18 -16.16 0.54
C MET D 24 31.19 -17.31 0.43
N VAL D 25 30.97 -18.38 1.19
CA VAL D 25 31.91 -19.50 1.17
C VAL D 25 31.78 -20.32 -0.11
N LYS D 26 30.63 -20.20 -0.78
CA LYS D 26 30.44 -20.86 -2.07
C LYS D 26 31.00 -20.01 -3.21
N ALA D 27 31.10 -18.71 -2.98
CA ALA D 27 31.50 -17.77 -4.04
C ALA D 27 33.01 -17.78 -4.29
N ALA D 28 33.80 -18.03 -3.25
CA ALA D 28 35.25 -18.02 -3.40
C ALA D 28 35.96 -18.82 -2.30
N ASN D 29 37.29 -18.87 -2.39
CA ASN D 29 38.08 -19.59 -1.40
C ASN D 29 38.35 -18.73 -0.17
N VAL D 30 37.29 -18.45 0.57
CA VAL D 30 37.40 -17.69 1.81
C VAL D 30 37.03 -18.53 3.02
N THR D 31 37.42 -18.06 4.20
CA THR D 31 37.13 -18.74 5.45
C THR D 31 36.39 -17.82 6.41
N ILE D 32 35.29 -18.30 6.97
CA ILE D 32 34.58 -17.56 8.00
C ILE D 32 35.39 -17.55 9.29
N THR D 33 35.78 -16.36 9.73
CA THR D 33 36.63 -16.23 10.91
C THR D 33 35.89 -15.67 12.12
N ASP D 34 34.68 -15.17 11.91
CA ASP D 34 33.95 -14.57 13.02
C ASP D 34 32.47 -14.35 12.73
N ARG D 35 31.67 -14.40 13.79
CA ARG D 35 30.27 -14.02 13.76
C ARG D 35 29.99 -13.10 14.96
N GLN D 36 29.34 -11.97 14.72
CA GLN D 36 29.10 -11.01 15.79
C GLN D 36 27.66 -10.53 15.80
N GLN D 37 27.04 -10.61 16.98
CA GLN D 37 25.65 -10.20 17.14
C GLN D 37 25.61 -9.12 18.22
N VAL D 38 25.56 -7.86 17.78
CA VAL D 38 25.78 -6.76 18.72
C VAL D 38 24.50 -6.04 19.10
N GLY D 39 23.36 -6.61 18.70
CA GLY D 39 22.07 -6.06 19.12
C GLY D 39 21.34 -5.31 18.05
N ASP D 40 20.12 -4.89 18.37
CA ASP D 40 19.20 -4.26 17.42
C ASP D 40 19.01 -5.07 16.13
N GLY D 41 19.09 -6.39 16.26
CA GLY D 41 18.84 -7.28 15.13
C GLY D 41 20.04 -7.56 14.25
N LEU D 42 21.18 -6.97 14.60
CA LEU D 42 22.37 -7.01 13.76
C LEU D 42 23.17 -8.31 13.89
N VAL D 43 23.48 -8.92 12.75
CA VAL D 43 24.38 -10.07 12.70
C VAL D 43 25.48 -9.82 11.67
N ALA D 44 26.73 -10.00 12.09
CA ALA D 44 27.86 -9.76 11.21
C ALA D 44 28.61 -11.04 10.90
N VAL D 45 29.00 -11.20 9.64
CA VAL D 45 29.80 -12.33 9.21
C VAL D 45 31.12 -11.82 8.63
N ILE D 46 32.23 -12.43 9.06
CA ILE D 46 33.55 -11.98 8.65
C ILE D 46 34.31 -13.11 7.96
N VAL D 47 34.83 -12.82 6.78
CA VAL D 47 35.57 -13.82 6.04
C VAL D 47 36.97 -13.33 5.70
N THR D 48 37.89 -14.26 5.52
CA THR D 48 39.25 -13.92 5.16
C THR D 48 39.75 -14.75 3.99
N GLY D 49 40.80 -14.27 3.35
CA GLY D 49 41.38 -14.92 2.19
C GLY D 49 42.10 -13.91 1.32
N GLU D 50 42.43 -14.31 0.10
CA GLU D 50 43.05 -13.41 -0.87
C GLU D 50 42.06 -12.32 -1.30
N VAL D 51 42.58 -11.14 -1.61
CA VAL D 51 41.76 -9.96 -1.81
C VAL D 51 40.71 -10.14 -2.91
N GLY D 52 41.07 -10.82 -4.00
CA GLY D 52 40.13 -11.09 -5.05
C GLY D 52 39.00 -11.99 -4.60
N ALA D 53 39.35 -13.05 -3.87
CA ALA D 53 38.36 -14.00 -3.35
C ALA D 53 37.41 -13.32 -2.37
N VAL D 54 37.97 -12.49 -1.49
CA VAL D 54 37.20 -11.75 -0.50
C VAL D 54 36.20 -10.78 -1.16
N LYS D 55 36.62 -10.13 -2.23
CA LYS D 55 35.76 -9.23 -2.99
C LYS D 55 34.57 -9.96 -3.60
N ALA D 56 34.86 -11.10 -4.24
CA ALA D 56 33.83 -11.92 -4.86
C ALA D 56 32.84 -12.44 -3.81
N ALA D 57 33.39 -12.94 -2.71
CA ALA D 57 32.56 -13.44 -1.61
C ALA D 57 31.65 -12.35 -1.07
N THR D 58 32.25 -11.21 -0.73
CA THR D 58 31.53 -10.08 -0.14
C THR D 58 30.36 -9.59 -1.00
N GLU D 59 30.60 -9.49 -2.30
CA GLU D 59 29.57 -9.01 -3.24
C GLU D 59 28.41 -10.00 -3.36
N ALA D 60 28.73 -11.29 -3.31
CA ALA D 60 27.72 -12.34 -3.44
C ALA D 60 26.92 -12.48 -2.14
N GLY D 61 27.58 -12.21 -1.02
CA GLY D 61 26.92 -12.24 0.27
C GLY D 61 25.97 -11.07 0.43
N ALA D 62 26.41 -9.89 0.03
CA ALA D 62 25.61 -8.68 0.15
C ALA D 62 24.33 -8.76 -0.67
N GLU D 63 24.41 -9.35 -1.86
CA GLU D 63 23.24 -9.44 -2.73
C GLU D 63 22.23 -10.42 -2.15
N THR D 64 22.72 -11.55 -1.65
CA THR D 64 21.86 -12.55 -1.01
C THR D 64 21.21 -11.97 0.24
N ALA D 65 21.96 -11.14 0.95
CA ALA D 65 21.46 -10.45 2.14
C ALA D 65 20.30 -9.53 1.81
N SER D 66 20.43 -8.80 0.71
CA SER D 66 19.37 -7.90 0.25
C SER D 66 18.11 -8.68 -0.11
N GLN D 67 18.30 -9.88 -0.66
CA GLN D 67 17.19 -10.70 -1.11
C GLN D 67 16.45 -11.33 0.07
N VAL D 68 17.19 -11.93 1.00
CA VAL D 68 16.57 -12.63 2.12
C VAL D 68 16.02 -11.66 3.17
N GLY D 69 16.82 -10.65 3.51
CA GLY D 69 16.42 -9.67 4.50
C GLY D 69 16.90 -8.28 4.14
N GLU D 70 17.49 -7.59 5.11
CA GLU D 70 18.00 -6.24 4.87
C GLU D 70 19.51 -6.17 5.09
N LEU D 71 20.20 -5.52 4.15
CA LEU D 71 21.64 -5.32 4.27
C LEU D 71 21.95 -4.02 4.99
N VAL D 72 22.74 -4.11 6.05
CA VAL D 72 23.12 -2.92 6.80
C VAL D 72 24.47 -2.38 6.33
N SER D 73 25.49 -3.22 6.40
CA SER D 73 26.84 -2.82 5.98
C SER D 73 27.52 -3.85 5.10
N VAL D 74 28.29 -3.36 4.15
CA VAL D 74 29.13 -4.20 3.29
C VAL D 74 30.49 -3.51 3.11
N HIS D 75 31.57 -4.25 3.33
CA HIS D 75 32.90 -3.65 3.34
C HIS D 75 34.01 -4.66 3.07
N VAL D 76 35.12 -4.18 2.50
CA VAL D 76 36.30 -5.00 2.29
C VAL D 76 37.55 -4.29 2.83
N ILE D 77 38.36 -5.00 3.59
CA ILE D 77 39.65 -4.47 4.02
C ILE D 77 40.78 -5.28 3.38
N PRO D 78 41.34 -4.76 2.28
CA PRO D 78 42.36 -5.45 1.49
C PRO D 78 43.60 -5.82 2.30
N ARG D 79 44.08 -4.91 3.13
CA ARG D 79 45.30 -5.12 3.88
C ARG D 79 45.14 -4.62 5.31
N PRO D 80 44.57 -5.46 6.19
CA PRO D 80 44.32 -5.07 7.58
C PRO D 80 45.60 -4.97 8.38
N HIS D 81 45.62 -4.01 9.31
CA HIS D 81 46.75 -3.79 10.22
C HIS D 81 46.94 -5.00 11.13
N SER D 82 48.16 -5.22 11.61
CA SER D 82 48.44 -6.34 12.50
C SER D 82 47.98 -6.10 13.93
N GLU D 83 47.71 -4.84 14.26
CA GLU D 83 47.25 -4.48 15.60
C GLU D 83 45.77 -4.79 15.76
N LEU D 84 45.17 -5.34 14.70
CA LEU D 84 43.74 -5.57 14.65
C LEU D 84 43.37 -6.94 15.21
N GLY D 85 44.21 -7.94 14.94
CA GLY D 85 43.92 -9.30 15.33
C GLY D 85 43.94 -9.60 16.82
N ALA D 86 44.45 -8.65 17.61
CA ALA D 86 44.58 -8.86 19.04
C ALA D 86 43.26 -8.66 19.77
N HIS D 87 42.38 -7.87 19.18
CA HIS D 87 41.07 -7.61 19.78
C HIS D 87 39.93 -7.91 18.82
N PHE D 88 40.27 -8.37 17.62
CA PHE D 88 39.26 -8.72 16.62
C PHE D 88 39.62 -10.00 15.88
N SER D 89 38.69 -10.94 15.86
CA SER D 89 38.92 -12.23 15.21
C SER D 89 38.86 -12.07 13.69
N VAL D 90 40.02 -11.99 13.07
CA VAL D 90 40.11 -11.80 11.62
C VAL D 90 41.03 -12.85 10.99
N SER D 91 41.21 -13.96 11.71
CA SER D 91 42.08 -15.03 11.25
C SER D 91 41.54 -16.40 11.62
N ASN E 4 19.83 -33.15 2.81
CA ASN E 4 20.17 -32.33 3.96
C ASN E 4 20.04 -30.83 3.69
N ALA E 5 19.00 -30.46 2.94
CA ALA E 5 18.65 -29.06 2.76
C ALA E 5 18.15 -28.47 4.08
N ILE E 6 18.29 -27.15 4.25
CA ILE E 6 17.78 -26.51 5.45
C ILE E 6 16.71 -25.46 5.14
N GLY E 7 15.72 -25.36 6.01
CA GLY E 7 14.71 -24.33 5.91
C GLY E 7 14.74 -23.41 7.11
N LEU E 8 14.53 -22.12 6.87
CA LEU E 8 14.70 -21.12 7.92
C LEU E 8 13.49 -20.20 8.07
N ILE E 9 13.09 -20.01 9.32
CA ILE E 9 12.03 -19.07 9.66
C ILE E 9 12.51 -18.18 10.81
N GLU E 10 12.41 -16.87 10.62
CA GLU E 10 12.77 -15.95 11.69
C GLU E 10 11.58 -15.03 11.97
N THR E 11 11.29 -14.86 13.25
CA THR E 11 10.20 -13.98 13.67
C THR E 11 10.68 -13.05 14.75
N LYS E 12 9.89 -12.03 15.03
CA LYS E 12 10.10 -11.24 16.24
C LYS E 12 9.05 -11.68 17.26
N GLY E 13 9.52 -12.13 18.42
CA GLY E 13 8.63 -12.71 19.40
C GLY E 13 8.71 -14.22 19.40
N TYR E 14 8.83 -14.81 20.58
CA TYR E 14 8.96 -16.24 20.73
C TYR E 14 7.68 -16.99 20.32
N VAL E 15 6.53 -16.36 20.56
CA VAL E 15 5.24 -16.98 20.30
C VAL E 15 5.07 -17.32 18.83
N ALA E 16 5.28 -16.34 17.95
CA ALA E 16 5.18 -16.57 16.52
C ALA E 16 6.15 -17.65 16.07
N ALA E 17 7.33 -17.67 16.69
CA ALA E 17 8.36 -18.64 16.33
C ALA E 17 7.98 -20.07 16.73
N LEU E 18 7.43 -20.22 17.94
CA LEU E 18 7.04 -21.54 18.42
C LEU E 18 5.90 -22.08 17.57
N ALA E 19 4.95 -21.21 17.22
CA ALA E 19 3.83 -21.59 16.38
C ALA E 19 4.34 -22.00 14.99
N ALA E 20 5.31 -21.25 14.47
CA ALA E 20 5.87 -21.53 13.16
C ALA E 20 6.65 -22.84 13.15
N ALA E 21 7.43 -23.09 14.20
CA ALA E 21 8.19 -24.33 14.29
C ALA E 21 7.26 -25.54 14.32
N ASP E 22 6.19 -25.41 15.10
CA ASP E 22 5.18 -26.46 15.20
C ASP E 22 4.57 -26.76 13.83
N ALA E 23 4.32 -25.72 13.05
CA ALA E 23 3.73 -25.88 11.71
C ALA E 23 4.70 -26.57 10.76
N MET E 24 5.98 -26.20 10.84
CA MET E 24 7.01 -26.75 9.97
C MET E 24 7.15 -28.27 10.13
N VAL E 25 7.23 -28.76 11.36
CA VAL E 25 7.40 -30.20 11.57
C VAL E 25 6.11 -30.97 11.29
N LYS E 26 4.98 -30.28 11.40
CA LYS E 26 3.70 -30.89 11.05
C LYS E 26 3.56 -31.04 9.55
N ALA E 27 4.12 -30.08 8.81
CA ALA E 27 3.86 -29.97 7.37
C ALA E 27 4.56 -31.05 6.53
N ALA E 28 5.69 -31.55 7.00
CA ALA E 28 6.52 -32.43 6.17
C ALA E 28 7.51 -33.24 6.98
N ASN E 29 8.31 -34.03 6.26
CA ASN E 29 9.38 -34.81 6.87
C ASN E 29 10.62 -33.97 7.14
N VAL E 30 10.54 -33.10 8.15
CA VAL E 30 11.68 -32.27 8.51
C VAL E 30 12.03 -32.46 9.97
N THR E 31 13.25 -32.07 10.32
CA THR E 31 13.70 -32.17 11.70
C THR E 31 14.29 -30.85 12.15
N ILE E 32 13.77 -30.32 13.25
CA ILE E 32 14.34 -29.14 13.86
C ILE E 32 15.74 -29.48 14.36
N THR E 33 16.74 -28.83 13.77
CA THR E 33 18.13 -29.14 14.07
C THR E 33 18.85 -27.99 14.77
N ASP E 34 18.25 -26.81 14.75
CA ASP E 34 18.86 -25.65 15.39
C ASP E 34 17.87 -24.56 15.75
N ARG E 35 18.27 -23.68 16.64
CA ARG E 35 17.45 -22.55 17.07
C ARG E 35 18.35 -21.40 17.47
N GLN E 36 18.06 -20.22 16.93
CA GLN E 36 18.90 -19.05 17.19
C GLN E 36 18.09 -17.85 17.66
N GLN E 37 18.55 -17.21 18.72
CA GLN E 37 17.95 -15.98 19.23
C GLN E 37 19.01 -14.88 19.26
N VAL E 38 19.03 -14.03 18.25
CA VAL E 38 20.13 -13.06 18.12
C VAL E 38 19.86 -11.70 18.76
N GLY E 39 18.76 -11.56 19.51
CA GLY E 39 18.43 -10.30 20.16
C GLY E 39 17.38 -9.49 19.42
N ASP E 40 16.93 -8.41 20.05
CA ASP E 40 15.90 -7.50 19.50
C ASP E 40 14.58 -8.24 19.27
N GLY E 41 14.35 -9.31 20.03
CA GLY E 41 13.14 -10.09 19.90
C GLY E 41 13.18 -11.13 18.80
N LEU E 42 14.27 -11.16 18.03
CA LEU E 42 14.38 -12.06 16.88
C LEU E 42 14.56 -13.52 17.29
N VAL E 43 13.75 -14.39 16.69
CA VAL E 43 13.86 -15.82 16.96
C VAL E 43 13.88 -16.61 15.66
N ALA E 44 14.91 -17.41 15.48
CA ALA E 44 15.08 -18.19 14.27
C ALA E 44 14.94 -19.67 14.54
N VAL E 45 14.25 -20.37 13.65
CA VAL E 45 14.12 -21.82 13.75
C VAL E 45 14.60 -22.45 12.45
N ILE E 46 15.38 -23.53 12.57
CA ILE E 46 15.94 -24.17 11.39
C ILE E 46 15.57 -25.65 11.36
N VAL E 47 15.06 -26.12 10.22
CA VAL E 47 14.77 -27.53 10.04
C VAL E 47 15.62 -28.10 8.91
N THR E 48 15.76 -29.43 8.91
CA THR E 48 16.53 -30.10 7.85
C THR E 48 15.78 -31.29 7.29
N GLY E 49 16.22 -31.74 6.11
CA GLY E 49 15.59 -32.85 5.43
C GLY E 49 15.77 -32.71 3.94
N GLU E 50 15.01 -33.46 3.17
CA GLU E 50 15.03 -33.36 1.72
C GLU E 50 14.45 -32.02 1.30
N VAL E 51 14.84 -31.56 0.10
CA VAL E 51 14.48 -30.24 -0.38
C VAL E 51 12.99 -29.97 -0.39
N GLY E 52 12.22 -30.80 -1.07
CA GLY E 52 10.78 -30.63 -1.19
C GLY E 52 10.08 -30.51 0.15
N ALA E 53 10.53 -31.30 1.12
CA ALA E 53 9.94 -31.29 2.45
C ALA E 53 10.30 -30.00 3.21
N VAL E 54 11.55 -29.60 3.08
CA VAL E 54 12.03 -28.35 3.67
C VAL E 54 11.26 -27.17 3.09
N LYS E 55 11.01 -27.22 1.79
CA LYS E 55 10.26 -26.16 1.11
C LYS E 55 8.82 -26.10 1.61
N ALA E 56 8.20 -27.26 1.80
CA ALA E 56 6.82 -27.32 2.24
C ALA E 56 6.68 -26.83 3.67
N ALA E 57 7.62 -27.22 4.52
CA ALA E 57 7.63 -26.80 5.92
C ALA E 57 7.74 -25.27 6.06
N THR E 58 8.66 -24.65 5.33
CA THR E 58 8.88 -23.21 5.46
C THR E 58 7.69 -22.40 4.96
N GLU E 59 7.00 -22.92 3.95
CA GLU E 59 5.78 -22.29 3.46
C GLU E 59 4.73 -22.28 4.55
N ALA E 60 4.53 -23.44 5.17
CA ALA E 60 3.60 -23.56 6.28
C ALA E 60 4.08 -22.73 7.47
N GLY E 61 5.38 -22.76 7.72
CA GLY E 61 5.97 -22.01 8.81
C GLY E 61 5.77 -20.51 8.65
N ALA E 62 6.01 -20.01 7.45
CA ALA E 62 5.86 -18.58 7.16
C ALA E 62 4.40 -18.16 7.26
N GLU E 63 3.51 -19.03 6.78
CA GLU E 63 2.07 -18.79 6.83
C GLU E 63 1.60 -18.64 8.26
N THR E 64 2.00 -19.57 9.12
CA THR E 64 1.62 -19.56 10.52
C THR E 64 2.20 -18.35 11.26
N ALA E 65 3.47 -18.05 10.98
CA ALA E 65 4.17 -16.96 11.64
C ALA E 65 3.52 -15.60 11.36
N SER E 66 3.09 -15.41 10.11
CA SER E 66 2.43 -14.17 9.72
C SER E 66 1.07 -14.03 10.38
N GLN E 67 0.35 -15.14 10.51
CA GLN E 67 -0.96 -15.13 11.13
C GLN E 67 -0.87 -14.80 12.63
N VAL E 68 0.14 -15.36 13.29
CA VAL E 68 0.28 -15.22 14.73
C VAL E 68 0.96 -13.91 15.13
N GLY E 69 2.13 -13.65 14.55
CA GLY E 69 2.88 -12.46 14.86
C GLY E 69 3.48 -11.83 13.62
N GLU E 70 4.71 -11.35 13.72
CA GLU E 70 5.38 -10.77 12.56
C GLU E 70 6.53 -11.65 12.07
N LEU E 71 6.50 -11.94 10.78
CA LEU E 71 7.53 -12.75 10.14
C LEU E 71 8.66 -11.87 9.64
N VAL E 72 9.89 -12.20 10.04
CA VAL E 72 11.04 -11.41 9.63
C VAL E 72 11.65 -11.94 8.34
N SER E 73 12.08 -13.21 8.36
CA SER E 73 12.65 -13.81 7.17
C SER E 73 12.24 -15.27 6.99
N VAL E 74 12.15 -15.68 5.73
CA VAL E 74 11.88 -17.07 5.37
C VAL E 74 12.81 -17.44 4.21
N HIS E 75 13.50 -18.58 4.34
CA HIS E 75 14.49 -18.95 3.34
C HIS E 75 14.75 -20.45 3.32
N VAL E 76 15.17 -20.95 2.15
CA VAL E 76 15.56 -22.34 2.00
C VAL E 76 16.95 -22.41 1.35
N ILE E 77 17.81 -23.26 1.89
CA ILE E 77 19.12 -23.50 1.28
C ILE E 77 19.25 -24.97 0.95
N PRO E 78 19.04 -25.32 -0.34
CA PRO E 78 19.05 -26.69 -0.85
C PRO E 78 20.30 -27.48 -0.45
N ARG E 79 21.47 -26.87 -0.50
CA ARG E 79 22.67 -27.53 0.01
C ARG E 79 23.59 -26.51 0.70
N PRO E 80 23.50 -26.44 2.03
CA PRO E 80 24.37 -25.62 2.87
C PRO E 80 25.83 -26.02 2.74
N HIS E 81 26.71 -25.04 2.61
CA HIS E 81 28.12 -25.31 2.40
C HIS E 81 28.79 -25.83 3.68
N SER E 82 29.79 -26.69 3.51
CA SER E 82 30.48 -27.30 4.64
C SER E 82 31.26 -26.29 5.46
N GLU E 83 31.68 -25.20 4.81
CA GLU E 83 32.48 -24.18 5.48
C GLU E 83 31.64 -23.26 6.37
N LEU E 84 30.46 -23.73 6.78
CA LEU E 84 29.60 -22.97 7.68
C LEU E 84 29.68 -23.50 9.11
N GLY E 85 29.85 -24.82 9.24
CA GLY E 85 29.75 -25.48 10.53
C GLY E 85 30.85 -25.23 11.54
N ALA E 86 31.24 -23.97 11.68
CA ALA E 86 32.23 -23.57 12.68
C ALA E 86 31.67 -22.43 13.50
N HIS E 87 30.98 -21.52 12.82
CA HIS E 87 30.30 -20.40 13.47
C HIS E 87 28.83 -20.40 13.08
N PHE E 88 28.40 -21.45 12.39
CA PHE E 88 27.03 -21.59 11.93
C PHE E 88 26.57 -23.06 11.93
N SER F 2 -4.74 -32.17 24.72
CA SER F 2 -5.30 -32.28 26.05
C SER F 2 -5.02 -33.66 26.64
N SER F 3 -4.27 -33.69 27.74
CA SER F 3 -3.76 -32.46 28.36
C SER F 3 -2.37 -32.09 27.87
N ASN F 4 -2.21 -32.01 26.55
CA ASN F 4 -0.94 -31.62 25.95
C ASN F 4 -1.06 -30.30 25.18
N ALA F 5 -2.22 -29.67 25.25
CA ALA F 5 -2.42 -28.38 24.59
C ALA F 5 -1.56 -27.32 25.29
N ILE F 6 -1.11 -26.33 24.52
CA ILE F 6 -0.29 -25.29 25.11
C ILE F 6 -0.87 -23.91 24.85
N GLY F 7 -0.74 -23.03 25.83
CA GLY F 7 -1.16 -21.65 25.69
C GLY F 7 0.04 -20.73 25.72
N LEU F 8 0.02 -19.68 24.92
CA LEU F 8 1.17 -18.79 24.80
C LEU F 8 0.82 -17.33 25.06
N ILE F 9 1.59 -16.70 25.93
CA ILE F 9 1.45 -15.28 26.20
C ILE F 9 2.81 -14.59 26.06
N GLU F 10 2.86 -13.50 25.29
CA GLU F 10 4.09 -12.73 25.17
C GLU F 10 3.80 -11.26 25.46
N THR F 11 4.51 -10.71 26.44
CA THR F 11 4.34 -9.32 26.81
C THR F 11 5.56 -8.50 26.46
N LYS F 12 5.44 -7.18 26.57
CA LYS F 12 6.60 -6.29 26.48
C LYS F 12 6.87 -5.74 27.87
N GLY F 13 7.64 -6.48 28.67
CA GLY F 13 7.88 -6.13 30.05
C GLY F 13 7.76 -7.33 30.96
N TYR F 14 8.70 -7.47 31.90
CA TYR F 14 8.74 -8.62 32.78
C TYR F 14 7.58 -8.62 33.77
N VAL F 15 7.21 -7.44 34.23
CA VAL F 15 6.18 -7.33 35.26
C VAL F 15 4.82 -7.73 34.69
N ALA F 16 4.52 -7.30 33.47
CA ALA F 16 3.28 -7.71 32.80
C ALA F 16 3.24 -9.22 32.63
N ALA F 17 4.40 -9.82 32.38
CA ALA F 17 4.50 -11.25 32.14
C ALA F 17 4.30 -12.06 33.42
N LEU F 18 4.90 -11.60 34.51
CA LEU F 18 4.78 -12.28 35.79
C LEU F 18 3.35 -12.17 36.31
N ALA F 19 2.76 -10.98 36.14
CA ALA F 19 1.36 -10.76 36.50
C ALA F 19 0.44 -11.69 35.71
N ALA F 20 0.70 -11.79 34.41
CA ALA F 20 -0.08 -12.66 33.53
C ALA F 20 0.08 -14.13 33.93
N ALA F 21 1.31 -14.55 34.18
CA ALA F 21 1.60 -15.91 34.61
C ALA F 21 0.76 -16.31 35.83
N ASP F 22 0.80 -15.50 36.88
CA ASP F 22 0.02 -15.81 38.07
C ASP F 22 -1.48 -15.79 37.76
N ALA F 23 -1.92 -14.87 36.90
CA ALA F 23 -3.33 -14.81 36.55
C ALA F 23 -3.74 -16.06 35.77
N MET F 24 -2.83 -16.61 34.97
CA MET F 24 -3.15 -17.80 34.19
C MET F 24 -3.35 -19.05 35.03
N VAL F 25 -2.46 -19.29 36.00
CA VAL F 25 -2.57 -20.48 36.84
C VAL F 25 -3.70 -20.32 37.87
N LYS F 26 -4.04 -19.08 38.19
CA LYS F 26 -5.19 -18.80 39.06
C LYS F 26 -6.49 -19.17 38.38
N ALA F 27 -6.60 -18.87 37.08
CA ALA F 27 -7.87 -18.95 36.38
C ALA F 27 -8.22 -20.35 35.86
N ALA F 28 -7.21 -21.20 35.68
CA ALA F 28 -7.45 -22.54 35.15
C ALA F 28 -6.38 -23.52 35.60
N ASN F 29 -6.67 -24.81 35.48
CA ASN F 29 -5.72 -25.85 35.84
C ASN F 29 -4.71 -26.08 34.73
N VAL F 30 -3.78 -25.14 34.60
CA VAL F 30 -2.70 -25.26 33.64
C VAL F 30 -1.36 -25.27 34.37
N THR F 31 -0.33 -25.71 33.67
CA THR F 31 1.01 -25.79 34.23
C THR F 31 1.96 -24.93 33.42
N ILE F 32 2.66 -24.02 34.10
CA ILE F 32 3.73 -23.26 33.45
C ILE F 32 4.88 -24.18 33.07
N THR F 33 5.22 -24.25 31.79
CA THR F 33 6.26 -25.17 31.35
C THR F 33 7.49 -24.47 30.78
N ASP F 34 7.39 -23.16 30.53
CA ASP F 34 8.52 -22.44 29.97
C ASP F 34 8.36 -20.93 30.12
N ARG F 35 9.50 -20.25 30.14
CA ARG F 35 9.57 -18.79 30.11
C ARG F 35 10.70 -18.39 29.18
N GLN F 36 10.42 -17.50 28.24
CA GLN F 36 11.44 -17.07 27.28
C GLN F 36 11.55 -15.55 27.24
N GLN F 37 12.79 -15.06 27.24
CA GLN F 37 13.03 -13.63 27.14
C GLN F 37 13.96 -13.37 25.98
N VAL F 38 13.39 -13.01 24.83
CA VAL F 38 14.12 -13.00 23.57
C VAL F 38 14.62 -11.60 23.20
N GLY F 39 14.47 -10.65 24.12
CA GLY F 39 15.02 -9.33 23.91
C GLY F 39 14.00 -8.30 23.43
N ASP F 40 14.44 -7.05 23.39
CA ASP F 40 13.59 -5.91 23.05
C ASP F 40 12.34 -5.85 23.94
N GLY F 41 12.50 -6.25 25.20
CA GLY F 41 11.41 -6.16 26.16
C GLY F 41 10.47 -7.36 26.18
N LEU F 42 10.66 -8.28 25.25
CA LEU F 42 9.72 -9.40 25.09
C LEU F 42 9.88 -10.50 26.13
N VAL F 43 8.78 -10.87 26.77
CA VAL F 43 8.79 -11.98 27.70
C VAL F 43 7.63 -12.91 27.41
N ALA F 44 7.93 -14.20 27.30
CA ALA F 44 6.93 -15.17 26.90
C ALA F 44 6.70 -16.20 27.98
N VAL F 45 5.44 -16.50 28.24
CA VAL F 45 5.09 -17.50 29.23
C VAL F 45 4.26 -18.59 28.57
N ILE F 46 4.67 -19.83 28.75
CA ILE F 46 4.02 -20.93 28.07
C ILE F 46 3.40 -21.88 29.09
N VAL F 47 2.12 -22.19 28.89
CA VAL F 47 1.43 -23.10 29.80
C VAL F 47 0.92 -24.31 29.04
N THR F 48 0.67 -25.40 29.77
CA THR F 48 0.16 -26.61 29.17
C THR F 48 -1.00 -27.17 29.98
N GLY F 49 -1.89 -27.91 29.33
CA GLY F 49 -3.04 -28.49 29.98
C GLY F 49 -4.13 -28.82 28.97
N GLU F 50 -5.33 -29.11 29.45
CA GLU F 50 -6.45 -29.36 28.56
C GLU F 50 -6.78 -28.11 27.76
N VAL F 51 -7.27 -28.29 26.54
CA VAL F 51 -7.43 -27.18 25.62
C VAL F 51 -8.41 -26.15 26.17
N GLY F 52 -9.45 -26.63 26.84
CA GLY F 52 -10.42 -25.74 27.47
C GLY F 52 -9.78 -24.88 28.55
N ALA F 53 -8.93 -25.50 29.36
CA ALA F 53 -8.30 -24.79 30.47
C ALA F 53 -7.22 -23.84 29.94
N VAL F 54 -6.51 -24.30 28.92
CA VAL F 54 -5.48 -23.50 28.26
C VAL F 54 -6.05 -22.18 27.70
N LYS F 55 -7.23 -22.23 27.08
CA LYS F 55 -7.85 -21.03 26.54
C LYS F 55 -8.32 -20.11 27.65
N ALA F 56 -8.87 -20.70 28.72
CA ALA F 56 -9.31 -19.91 29.86
C ALA F 56 -8.10 -19.19 30.48
N ALA F 57 -7.00 -19.92 30.58
CA ALA F 57 -5.78 -19.36 31.12
C ALA F 57 -5.31 -18.17 30.29
N THR F 58 -5.15 -18.38 28.99
CA THR F 58 -4.59 -17.35 28.12
C THR F 58 -5.48 -16.11 28.03
N GLU F 59 -6.79 -16.31 28.12
CA GLU F 59 -7.72 -15.19 28.12
C GLU F 59 -7.53 -14.33 29.37
N ALA F 60 -7.38 -14.98 30.51
CA ALA F 60 -7.18 -14.26 31.76
C ALA F 60 -5.79 -13.64 31.79
N GLY F 61 -4.83 -14.34 31.20
CA GLY F 61 -3.47 -13.84 31.12
C GLY F 61 -3.34 -12.62 30.24
N ALA F 62 -4.06 -12.62 29.12
CA ALA F 62 -4.01 -11.52 28.16
C ALA F 62 -4.63 -10.26 28.74
N GLU F 63 -5.76 -10.42 29.42
CA GLU F 63 -6.42 -9.30 30.07
C GLU F 63 -5.51 -8.64 31.11
N THR F 64 -4.86 -9.48 31.92
CA THR F 64 -3.99 -8.96 32.98
C THR F 64 -2.75 -8.28 32.41
N ALA F 65 -2.16 -8.89 31.38
CA ALA F 65 -1.00 -8.30 30.72
C ALA F 65 -1.30 -6.91 30.19
N SER F 66 -2.47 -6.76 29.57
CA SER F 66 -2.86 -5.49 28.96
C SER F 66 -3.14 -4.41 29.99
N GLN F 67 -3.60 -4.83 31.16
CA GLN F 67 -3.86 -3.89 32.24
C GLN F 67 -2.58 -3.48 32.96
N VAL F 68 -1.68 -4.44 33.17
CA VAL F 68 -0.44 -4.16 33.89
C VAL F 68 0.60 -3.49 33.01
N GLY F 69 0.69 -3.94 31.76
CA GLY F 69 1.69 -3.40 30.84
C GLY F 69 1.24 -3.51 29.40
N GLU F 70 2.08 -4.13 28.57
CA GLU F 70 1.77 -4.26 27.15
C GLU F 70 1.71 -5.71 26.69
N LEU F 71 0.56 -6.10 26.16
CA LEU F 71 0.41 -7.43 25.58
C LEU F 71 0.87 -7.42 24.12
N VAL F 72 1.73 -8.36 23.76
CA VAL F 72 2.22 -8.45 22.39
C VAL F 72 1.52 -9.58 21.63
N SER F 73 1.49 -10.77 22.22
CA SER F 73 0.88 -11.89 21.54
C SER F 73 0.15 -12.83 22.50
N VAL F 74 -0.91 -13.45 21.99
CA VAL F 74 -1.62 -14.50 22.71
C VAL F 74 -2.05 -15.56 21.69
N HIS F 75 -1.75 -16.83 21.99
CA HIS F 75 -1.98 -17.90 21.04
C HIS F 75 -2.21 -19.23 21.74
N VAL F 76 -2.95 -20.11 21.11
CA VAL F 76 -3.21 -21.45 21.63
C VAL F 76 -2.90 -22.50 20.58
N ILE F 77 -2.17 -23.54 20.97
CA ILE F 77 -1.94 -24.67 20.10
C ILE F 77 -2.57 -25.92 20.70
N PRO F 78 -3.72 -26.34 20.17
CA PRO F 78 -4.50 -27.46 20.73
C PRO F 78 -3.74 -28.78 20.70
N ARG F 79 -3.10 -29.10 19.58
CA ARG F 79 -2.33 -30.33 19.47
C ARG F 79 -0.96 -30.06 18.92
N PRO F 80 0.00 -29.72 19.80
CA PRO F 80 1.37 -29.53 19.32
C PRO F 80 1.90 -30.82 18.70
N HIS F 81 2.86 -30.69 17.80
CA HIS F 81 3.49 -31.86 17.21
C HIS F 81 4.14 -32.71 18.30
N SER F 82 3.95 -34.02 18.21
CA SER F 82 4.42 -34.96 19.24
C SER F 82 5.93 -34.88 19.51
N GLU F 83 6.69 -34.32 18.58
CA GLU F 83 8.14 -34.21 18.74
C GLU F 83 8.59 -32.77 18.94
N LEU F 84 7.63 -31.85 19.06
CA LEU F 84 7.94 -30.45 19.27
C LEU F 84 8.61 -30.22 20.63
N GLY F 85 8.17 -30.99 21.62
CA GLY F 85 8.66 -30.86 22.98
C GLY F 85 10.09 -31.29 23.19
N ALA F 86 10.70 -31.87 22.15
CA ALA F 86 12.10 -32.28 22.19
C ALA F 86 13.02 -31.16 21.74
N HIS F 87 12.46 -29.99 21.45
CA HIS F 87 13.24 -28.85 20.99
C HIS F 87 12.80 -27.57 21.68
N PHE F 88 11.55 -27.55 22.11
CA PHE F 88 10.96 -26.43 22.82
C PHE F 88 10.26 -26.96 24.07
N SER F 89 10.52 -26.32 25.21
CA SER F 89 9.94 -26.78 26.47
C SER F 89 8.43 -26.54 26.52
N VAL F 90 7.65 -27.57 26.21
CA VAL F 90 6.20 -27.46 26.24
C VAL F 90 5.56 -28.65 26.96
N SER F 91 6.37 -29.36 27.74
CA SER F 91 5.90 -30.53 28.49
C SER F 91 5.81 -30.22 29.98
N SER G 2 10.96 -0.04 -41.21
CA SER G 2 10.45 -1.22 -41.88
C SER G 2 9.41 -0.85 -42.94
N SER G 3 8.97 0.40 -42.88
CA SER G 3 7.81 0.90 -43.63
C SER G 3 6.51 0.25 -43.15
N ASN G 4 6.62 -0.59 -42.13
CA ASN G 4 5.46 -1.22 -41.51
C ASN G 4 5.35 -0.83 -40.04
N ALA G 5 6.30 -0.01 -39.58
CA ALA G 5 6.25 0.53 -38.23
C ALA G 5 4.99 1.37 -38.07
N ILE G 6 4.45 1.40 -36.85
CA ILE G 6 3.26 2.20 -36.61
C ILE G 6 3.48 3.18 -35.47
N GLY G 7 2.95 4.39 -35.64
CA GLY G 7 3.00 5.41 -34.60
C GLY G 7 1.59 5.77 -34.16
N LEU G 8 1.42 6.02 -32.88
CA LEU G 8 0.09 6.19 -32.31
C LEU G 8 -0.02 7.45 -31.47
N ILE G 9 -1.06 8.23 -31.74
CA ILE G 9 -1.41 9.37 -30.91
C ILE G 9 -2.88 9.23 -30.53
N GLU G 10 -3.16 9.40 -29.24
CA GLU G 10 -4.55 9.43 -28.81
C GLU G 10 -4.76 10.66 -27.96
N THR G 11 -5.84 11.36 -28.24
CA THR G 11 -6.13 12.60 -27.55
C THR G 11 -7.48 12.54 -26.88
N LYS G 12 -7.76 13.56 -26.07
CA LYS G 12 -9.10 13.79 -25.59
C LYS G 12 -9.68 14.98 -26.33
N GLY G 13 -10.55 14.70 -27.31
CA GLY G 13 -11.08 15.73 -28.17
C GLY G 13 -10.71 15.50 -29.62
N TYR G 14 -11.67 15.74 -30.51
CA TYR G 14 -11.47 15.55 -31.93
C TYR G 14 -10.45 16.54 -32.51
N VAL G 15 -10.55 17.80 -32.11
CA VAL G 15 -9.71 18.86 -32.65
C VAL G 15 -8.22 18.67 -32.35
N ALA G 16 -7.90 18.23 -31.14
CA ALA G 16 -6.52 17.94 -30.77
C ALA G 16 -5.96 16.83 -31.65
N ALA G 17 -6.81 15.82 -31.90
CA ALA G 17 -6.42 14.68 -32.73
C ALA G 17 -6.21 15.08 -34.19
N LEU G 18 -7.11 15.89 -34.71
CA LEU G 18 -7.01 16.35 -36.09
C LEU G 18 -5.75 17.19 -36.25
N ALA G 19 -5.47 18.02 -35.25
CA ALA G 19 -4.29 18.86 -35.27
C ALA G 19 -3.01 18.02 -35.21
N ALA G 20 -3.03 16.98 -34.37
CA ALA G 20 -1.89 16.08 -34.25
C ALA G 20 -1.65 15.33 -35.55
N ALA G 21 -2.73 14.81 -36.13
CA ALA G 21 -2.67 14.09 -37.39
C ALA G 21 -2.02 14.94 -38.49
N ASP G 22 -2.43 16.20 -38.58
CA ASP G 22 -1.88 17.10 -39.58
C ASP G 22 -0.40 17.33 -39.35
N ALA G 23 -0.03 17.56 -38.09
CA ALA G 23 1.37 17.78 -37.75
C ALA G 23 2.20 16.53 -38.03
N MET G 24 1.61 15.36 -37.83
CA MET G 24 2.34 14.12 -38.04
C MET G 24 2.73 13.91 -39.50
N VAL G 25 1.77 14.08 -40.41
CA VAL G 25 2.04 13.91 -41.83
C VAL G 25 2.88 15.06 -42.39
N LYS G 26 2.86 16.20 -41.72
CA LYS G 26 3.66 17.33 -42.18
C LYS G 26 5.13 17.20 -41.77
N ALA G 27 5.40 16.35 -40.78
CA ALA G 27 6.73 16.28 -40.19
C ALA G 27 7.60 15.17 -40.76
N ALA G 28 6.97 14.11 -41.25
CA ALA G 28 7.71 12.96 -41.75
C ALA G 28 6.95 12.20 -42.82
N ASN G 29 7.60 11.24 -43.44
CA ASN G 29 6.97 10.45 -44.48
C ASN G 29 6.16 9.31 -43.89
N VAL G 30 4.96 9.64 -43.43
CA VAL G 30 4.06 8.65 -42.87
C VAL G 30 2.68 8.80 -43.49
N THR G 31 1.90 7.72 -43.48
CA THR G 31 0.55 7.77 -43.96
C THR G 31 -0.40 7.40 -42.84
N ILE G 32 -1.52 8.12 -42.75
CA ILE G 32 -2.56 7.81 -41.80
C ILE G 32 -3.29 6.54 -42.24
N THR G 33 -3.33 5.55 -41.37
CA THR G 33 -3.91 4.26 -41.73
C THR G 33 -5.16 3.92 -40.92
N ASP G 34 -5.38 4.63 -39.82
CA ASP G 34 -6.56 4.36 -39.00
C ASP G 34 -6.90 5.51 -38.08
N ARG G 35 -8.19 5.62 -37.78
CA ARG G 35 -8.71 6.59 -36.83
C ARG G 35 -9.70 5.87 -35.93
N GLN G 36 -9.47 5.92 -34.62
CA GLN G 36 -10.32 5.20 -33.66
C GLN G 36 -10.94 6.13 -32.63
N GLN G 37 -12.21 5.90 -32.33
CA GLN G 37 -12.93 6.66 -31.30
C GLN G 37 -13.66 5.71 -30.36
N VAL G 38 -13.13 5.55 -29.14
CA VAL G 38 -13.66 4.55 -28.20
C VAL G 38 -14.43 5.17 -27.03
N GLY G 39 -15.09 6.30 -27.28
CA GLY G 39 -15.91 6.94 -26.26
C GLY G 39 -15.10 7.76 -25.27
N ASP G 40 -15.82 8.54 -24.47
CA ASP G 40 -15.24 9.43 -23.46
C ASP G 40 -14.31 10.45 -24.10
N GLY G 41 -14.59 10.80 -25.35
CA GLY G 41 -13.85 11.84 -26.04
C GLY G 41 -12.47 11.43 -26.53
N LEU G 42 -12.14 10.15 -26.40
CA LEU G 42 -10.83 9.67 -26.84
C LEU G 42 -10.82 9.45 -28.35
N VAL G 43 -9.84 10.05 -29.02
CA VAL G 43 -9.65 9.84 -30.45
C VAL G 43 -8.21 9.40 -30.69
N ALA G 44 -8.04 8.28 -31.38
CA ALA G 44 -6.72 7.77 -31.68
C ALA G 44 -6.42 7.95 -33.16
N VAL G 45 -5.19 8.37 -33.45
CA VAL G 45 -4.72 8.44 -34.83
C VAL G 45 -3.54 7.52 -34.98
N ILE G 46 -3.58 6.69 -36.02
CA ILE G 46 -2.52 5.72 -36.27
C ILE G 46 -1.85 6.00 -37.61
N VAL G 47 -0.53 6.11 -37.60
CA VAL G 47 0.22 6.31 -38.83
C VAL G 47 1.21 5.18 -39.04
N THR G 48 1.54 4.93 -40.31
CA THR G 48 2.53 3.93 -40.64
C THR G 48 3.64 4.51 -41.51
N GLY G 49 4.80 3.85 -41.49
CA GLY G 49 5.96 4.31 -42.23
C GLY G 49 7.22 3.66 -41.68
N GLU G 50 8.39 4.16 -42.07
CA GLU G 50 9.64 3.71 -41.50
C GLU G 50 9.72 4.12 -40.04
N VAL G 51 10.46 3.36 -39.23
CA VAL G 51 10.58 3.62 -37.80
C VAL G 51 11.01 5.07 -37.51
N GLY G 52 12.08 5.50 -38.16
CA GLY G 52 12.57 6.86 -37.98
C GLY G 52 11.56 7.92 -38.35
N ALA G 53 10.78 7.66 -39.39
CA ALA G 53 9.75 8.60 -39.82
C ALA G 53 8.58 8.58 -38.83
N VAL G 54 8.19 7.39 -38.41
CA VAL G 54 7.11 7.22 -37.44
C VAL G 54 7.45 7.87 -36.10
N LYS G 55 8.70 7.73 -35.66
CA LYS G 55 9.16 8.40 -34.44
C LYS G 55 9.05 9.91 -34.56
N ALA G 56 9.58 10.47 -35.65
CA ALA G 56 9.56 11.90 -35.84
C ALA G 56 8.13 12.43 -35.92
N ALA G 57 7.25 11.68 -36.58
CA ALA G 57 5.86 12.09 -36.74
C ALA G 57 5.16 12.15 -35.39
N THR G 58 5.32 11.12 -34.57
CA THR G 58 4.66 11.06 -33.27
C THR G 58 5.17 12.12 -32.31
N GLU G 59 6.45 12.48 -32.42
CA GLU G 59 6.99 13.53 -31.58
C GLU G 59 6.39 14.89 -31.94
N ALA G 60 6.20 15.12 -33.24
CA ALA G 60 5.58 16.37 -33.68
C ALA G 60 4.09 16.36 -33.34
N GLY G 61 3.48 15.18 -33.45
CA GLY G 61 2.07 15.01 -33.15
C GLY G 61 1.75 15.18 -31.68
N ALA G 62 2.62 14.66 -30.82
CA ALA G 62 2.42 14.79 -29.38
C ALA G 62 2.54 16.24 -28.93
N GLU G 63 3.49 16.96 -29.52
CA GLU G 63 3.73 18.36 -29.17
C GLU G 63 2.53 19.23 -29.55
N THR G 64 1.98 19.00 -30.74
CA THR G 64 0.80 19.73 -31.21
C THR G 64 -0.45 19.36 -30.42
N ALA G 65 -0.58 18.09 -30.05
CA ALA G 65 -1.73 17.64 -29.28
C ALA G 65 -1.72 18.25 -27.89
N SER G 66 -0.53 18.41 -27.31
CA SER G 66 -0.41 19.01 -25.98
C SER G 66 -0.83 20.47 -25.97
N GLN G 67 -0.56 21.15 -27.08
CA GLN G 67 -0.85 22.58 -27.19
C GLN G 67 -2.33 22.84 -27.50
N VAL G 68 -2.93 21.99 -28.33
CA VAL G 68 -4.30 22.23 -28.76
C VAL G 68 -5.32 21.70 -27.76
N GLY G 69 -5.08 20.51 -27.21
CA GLY G 69 -5.96 19.93 -26.23
C GLY G 69 -5.21 19.10 -25.19
N GLU G 70 -5.71 17.89 -24.95
CA GLU G 70 -5.07 17.00 -24.00
C GLU G 70 -4.49 15.75 -24.66
N LEU G 71 -3.19 15.53 -24.45
CA LEU G 71 -2.54 14.33 -24.94
C LEU G 71 -2.66 13.22 -23.91
N VAL G 72 -3.12 12.05 -24.34
CA VAL G 72 -3.37 10.94 -23.42
C VAL G 72 -2.30 9.86 -23.54
N SER G 73 -1.93 9.54 -24.77
CA SER G 73 -0.90 8.53 -25.01
C SER G 73 -0.14 8.78 -26.30
N VAL G 74 1.17 8.55 -26.26
CA VAL G 74 1.99 8.60 -27.46
C VAL G 74 2.87 7.36 -27.46
N HIS G 75 2.87 6.64 -28.59
CA HIS G 75 3.59 5.38 -28.64
C HIS G 75 4.08 5.05 -30.05
N VAL G 76 5.15 4.25 -30.11
CA VAL G 76 5.68 3.75 -31.37
C VAL G 76 5.86 2.23 -31.30
N ILE G 77 5.44 1.53 -32.34
CA ILE G 77 5.73 0.12 -32.47
C ILE G 77 6.52 -0.14 -33.75
N PRO G 78 7.84 -0.34 -33.61
CA PRO G 78 8.76 -0.50 -34.74
C PRO G 78 8.36 -1.63 -35.69
N ARG G 79 7.97 -2.77 -35.13
CA ARG G 79 7.54 -3.89 -35.94
C ARG G 79 6.38 -4.60 -35.27
N PRO G 80 5.15 -4.23 -35.64
CA PRO G 80 3.96 -4.90 -35.10
C PRO G 80 3.95 -6.38 -35.44
N HIS G 81 3.27 -7.18 -34.63
CA HIS G 81 3.12 -8.60 -34.89
C HIS G 81 2.40 -8.82 -36.23
N SER G 82 2.79 -9.87 -36.95
CA SER G 82 2.26 -10.12 -38.29
C SER G 82 0.75 -10.33 -38.29
N GLU G 83 0.21 -10.80 -37.17
CA GLU G 83 -1.21 -11.06 -37.05
C GLU G 83 -1.96 -9.90 -36.39
N LEU G 84 -1.23 -8.85 -36.02
CA LEU G 84 -1.85 -7.71 -35.35
C LEU G 84 -2.82 -6.98 -36.28
N GLY G 85 -2.47 -6.93 -37.56
CA GLY G 85 -3.28 -6.25 -38.56
C GLY G 85 -4.57 -6.98 -38.88
N ALA G 86 -4.66 -8.24 -38.47
CA ALA G 86 -5.86 -9.03 -38.71
C ALA G 86 -6.95 -8.71 -37.69
N HIS G 87 -6.56 -8.06 -36.60
CA HIS G 87 -7.51 -7.75 -35.56
C HIS G 87 -7.66 -6.24 -35.44
N PHE G 88 -6.60 -5.51 -35.75
CA PHE G 88 -6.65 -4.05 -35.72
C PHE G 88 -6.29 -3.52 -37.10
N SER G 89 -6.94 -2.45 -37.54
CA SER G 89 -6.67 -1.89 -38.87
C SER G 89 -5.37 -1.09 -38.92
N VAL G 90 -4.24 -1.75 -38.68
CA VAL G 90 -2.94 -1.11 -38.71
C VAL G 90 -2.47 -0.89 -40.16
N SER G 91 -3.10 -1.62 -41.08
CA SER G 91 -2.86 -1.49 -42.52
C SER G 91 -1.38 -1.48 -42.89
N SER H 3 -8.97 29.78 -50.16
CA SER H 3 -9.76 29.00 -49.23
C SER H 3 -9.02 27.75 -48.78
N ASN H 4 -9.78 26.69 -48.50
CA ASN H 4 -9.26 25.39 -48.08
C ASN H 4 -8.62 25.39 -46.70
N ALA H 5 -8.50 26.56 -46.08
CA ALA H 5 -8.07 26.65 -44.69
C ALA H 5 -9.21 26.18 -43.79
N ILE H 6 -8.86 25.55 -42.67
CA ILE H 6 -9.90 25.06 -41.77
C ILE H 6 -9.74 25.61 -40.36
N GLY H 7 -10.87 25.95 -39.77
CA GLY H 7 -10.92 26.40 -38.39
C GLY H 7 -11.73 25.43 -37.55
N LEU H 8 -11.26 25.19 -36.33
CA LEU H 8 -11.87 24.18 -35.48
C LEU H 8 -12.17 24.73 -34.08
N ILE H 9 -13.38 24.46 -33.62
CA ILE H 9 -13.79 24.74 -32.26
C ILE H 9 -14.34 23.47 -31.63
N GLU H 10 -13.93 23.18 -30.40
CA GLU H 10 -14.52 22.05 -29.68
C GLU H 10 -15.07 22.54 -28.34
N THR H 11 -16.30 22.13 -28.05
CA THR H 11 -16.97 22.52 -26.83
C THR H 11 -17.49 21.28 -26.10
N LYS H 12 -17.99 21.50 -24.89
CA LYS H 12 -18.76 20.48 -24.20
C LYS H 12 -20.22 20.89 -24.23
N GLY H 13 -21.07 20.01 -24.74
CA GLY H 13 -22.49 20.31 -24.86
C GLY H 13 -22.86 20.88 -26.23
N TYR H 14 -24.03 20.49 -26.71
CA TYR H 14 -24.53 20.90 -28.01
C TYR H 14 -24.87 22.39 -28.07
N VAL H 15 -25.37 22.92 -26.96
CA VAL H 15 -25.81 24.31 -26.91
C VAL H 15 -24.65 25.27 -27.09
N ALA H 16 -23.54 25.01 -26.40
CA ALA H 16 -22.35 25.83 -26.58
C ALA H 16 -21.80 25.70 -27.99
N ALA H 17 -21.93 24.51 -28.57
CA ALA H 17 -21.41 24.26 -29.91
C ALA H 17 -22.25 24.94 -30.98
N LEU H 18 -23.56 24.92 -30.81
CA LEU H 18 -24.44 25.57 -31.78
C LEU H 18 -24.21 27.07 -31.73
N ALA H 19 -24.17 27.60 -30.52
CA ALA H 19 -23.90 29.02 -30.31
C ALA H 19 -22.56 29.41 -30.91
N ALA H 20 -21.56 28.55 -30.77
CA ALA H 20 -20.26 28.83 -31.36
C ALA H 20 -20.35 28.77 -32.88
N ALA H 21 -21.03 27.75 -33.40
CA ALA H 21 -21.17 27.60 -34.85
C ALA H 21 -21.83 28.82 -35.46
N ASP H 22 -22.87 29.29 -34.79
CA ASP H 22 -23.64 30.44 -35.25
C ASP H 22 -22.76 31.68 -35.24
N ALA H 23 -21.99 31.86 -34.17
CA ALA H 23 -21.07 32.99 -34.07
C ALA H 23 -20.04 32.96 -35.20
N MET H 24 -19.59 31.76 -35.57
CA MET H 24 -18.53 31.61 -36.56
C MET H 24 -18.97 32.03 -37.96
N VAL H 25 -20.15 31.60 -38.38
CA VAL H 25 -20.62 31.90 -39.73
C VAL H 25 -21.09 33.35 -39.82
N LYS H 26 -21.41 33.94 -38.67
CA LYS H 26 -21.77 35.34 -38.61
C LYS H 26 -20.55 36.25 -38.69
N ALA H 27 -19.41 35.76 -38.24
CA ALA H 27 -18.23 36.60 -38.10
C ALA H 27 -17.48 36.84 -39.40
N ALA H 28 -17.61 35.91 -40.34
CA ALA H 28 -16.79 35.94 -41.53
C ALA H 28 -17.38 35.07 -42.65
N ASN H 29 -16.73 35.11 -43.82
CA ASN H 29 -17.16 34.29 -44.95
C ASN H 29 -16.61 32.88 -44.83
N VAL H 30 -17.19 32.09 -43.93
CA VAL H 30 -16.79 30.70 -43.81
C VAL H 30 -17.99 29.80 -44.03
N THR H 31 -17.73 28.52 -44.20
CA THR H 31 -18.78 27.54 -44.38
C THR H 31 -18.55 26.38 -43.41
N ILE H 32 -19.60 25.99 -42.70
CA ILE H 32 -19.53 24.83 -41.83
C ILE H 32 -19.52 23.57 -42.69
N THR H 33 -18.43 22.83 -42.64
CA THR H 33 -18.27 21.70 -43.54
C THR H 33 -18.23 20.37 -42.79
N ASP H 34 -18.03 20.42 -41.48
CA ASP H 34 -18.06 19.20 -40.69
C ASP H 34 -18.51 19.45 -39.25
N ARG H 35 -19.04 18.40 -38.65
CA ARG H 35 -19.43 18.40 -37.26
C ARG H 35 -19.06 17.05 -36.67
N GLN H 36 -18.33 17.06 -35.56
CA GLN H 36 -17.86 15.82 -34.97
C GLN H 36 -18.14 15.80 -33.48
N GLN H 37 -18.66 14.67 -33.01
CA GLN H 37 -18.94 14.47 -31.60
C GLN H 37 -18.32 13.14 -31.18
N VAL H 38 -17.41 13.19 -30.21
CA VAL H 38 -16.59 12.02 -29.91
C VAL H 38 -16.75 11.51 -28.48
N GLY H 39 -17.73 12.05 -27.75
CA GLY H 39 -18.03 11.58 -26.41
C GLY H 39 -17.52 12.52 -25.32
N ASP H 40 -17.96 12.25 -24.08
CA ASP H 40 -17.65 13.08 -22.91
C ASP H 40 -18.27 14.47 -23.01
N GLY H 41 -19.32 14.56 -23.82
CA GLY H 41 -20.02 15.81 -24.06
C GLY H 41 -19.39 16.67 -25.15
N LEU H 42 -18.30 16.16 -25.73
CA LEU H 42 -17.53 16.92 -26.72
C LEU H 42 -18.22 17.09 -28.08
N VAL H 43 -18.34 18.33 -28.50
CA VAL H 43 -18.85 18.62 -29.84
C VAL H 43 -17.85 19.50 -30.58
N ALA H 44 -17.50 19.10 -31.79
CA ALA H 44 -16.56 19.84 -32.60
C ALA H 44 -17.24 20.40 -33.84
N VAL H 45 -16.93 21.65 -34.16
CA VAL H 45 -17.43 22.26 -35.38
C VAL H 45 -16.25 22.73 -36.22
N ILE H 46 -16.31 22.44 -37.52
CA ILE H 46 -15.22 22.75 -38.42
C ILE H 46 -15.72 23.63 -39.55
N VAL H 47 -15.00 24.71 -39.83
CA VAL H 47 -15.37 25.59 -40.92
C VAL H 47 -14.23 25.69 -41.92
N THR H 48 -14.57 26.09 -43.14
CA THR H 48 -13.58 26.27 -44.21
C THR H 48 -13.72 27.65 -44.83
N GLY H 49 -12.67 28.11 -45.50
CA GLY H 49 -12.65 29.41 -46.12
C GLY H 49 -11.25 29.97 -46.18
N GLU H 50 -11.12 31.23 -46.54
CA GLU H 50 -9.82 31.92 -46.58
C GLU H 50 -9.23 31.95 -45.19
N VAL H 51 -7.90 31.99 -45.12
CA VAL H 51 -7.18 31.94 -43.85
C VAL H 51 -7.66 33.03 -42.89
N GLY H 52 -7.66 34.27 -43.35
CA GLY H 52 -8.11 35.39 -42.54
C GLY H 52 -9.52 35.24 -42.01
N ALA H 53 -10.45 34.85 -42.88
CA ALA H 53 -11.83 34.63 -42.48
C ALA H 53 -11.93 33.51 -41.45
N VAL H 54 -11.18 32.43 -41.69
CA VAL H 54 -11.19 31.30 -40.77
C VAL H 54 -10.72 31.71 -39.37
N LYS H 55 -9.64 32.48 -39.30
CA LYS H 55 -9.14 33.00 -38.04
C LYS H 55 -10.18 33.85 -37.29
N ALA H 56 -10.79 34.80 -38.00
CA ALA H 56 -11.84 35.63 -37.43
C ALA H 56 -13.03 34.82 -36.91
N ALA H 57 -13.48 33.87 -37.74
CA ALA H 57 -14.60 33.00 -37.38
C ALA H 57 -14.28 32.20 -36.13
N THR H 58 -13.07 31.70 -36.09
CA THR H 58 -12.59 30.86 -35.00
C THR H 58 -12.51 31.64 -33.68
N GLU H 59 -12.03 32.88 -33.75
CA GLU H 59 -11.97 33.74 -32.57
C GLU H 59 -13.37 34.02 -32.02
N ALA H 60 -14.31 34.32 -32.91
CA ALA H 60 -15.69 34.56 -32.49
C ALA H 60 -16.31 33.30 -31.87
N GLY H 61 -16.08 32.16 -32.51
CA GLY H 61 -16.57 30.89 -32.00
C GLY H 61 -16.06 30.62 -30.59
N ALA H 62 -14.76 30.83 -30.38
CA ALA H 62 -14.15 30.52 -29.10
C ALA H 62 -14.71 31.40 -28.00
N GLU H 63 -14.82 32.70 -28.28
CA GLU H 63 -15.37 33.65 -27.32
C GLU H 63 -16.80 33.27 -26.93
N THR H 64 -17.62 32.93 -27.93
CA THR H 64 -19.01 32.56 -27.69
C THR H 64 -19.13 31.24 -26.95
N ALA H 65 -18.31 30.27 -27.32
CA ALA H 65 -18.32 28.96 -26.65
C ALA H 65 -17.99 29.12 -25.17
N SER H 66 -17.07 30.03 -24.88
CA SER H 66 -16.61 30.26 -23.52
C SER H 66 -17.63 31.03 -22.69
N GLN H 67 -18.59 31.68 -23.36
CA GLN H 67 -19.65 32.39 -22.66
C GLN H 67 -20.85 31.48 -22.39
N VAL H 68 -21.18 30.62 -23.36
CA VAL H 68 -22.38 29.80 -23.25
C VAL H 68 -22.13 28.52 -22.46
N GLY H 69 -20.99 27.87 -22.73
CA GLY H 69 -20.69 26.60 -22.11
C GLY H 69 -19.22 26.46 -21.74
N GLU H 70 -18.60 25.35 -22.12
CA GLU H 70 -17.18 25.19 -21.84
C GLU H 70 -16.38 25.00 -23.13
N LEU H 71 -15.37 25.83 -23.33
CA LEU H 71 -14.49 25.71 -24.49
C LEU H 71 -13.35 24.71 -24.24
N VAL H 72 -13.22 23.72 -25.12
CA VAL H 72 -12.19 22.70 -24.98
C VAL H 72 -10.95 22.96 -25.83
N SER H 73 -11.15 23.07 -27.15
CA SER H 73 -10.04 23.33 -28.07
C SER H 73 -10.39 24.41 -29.09
N VAL H 74 -9.35 25.04 -29.62
CA VAL H 74 -9.48 26.06 -30.65
C VAL H 74 -8.23 26.03 -31.53
N HIS H 75 -8.41 25.82 -32.84
CA HIS H 75 -7.26 25.63 -33.72
C HIS H 75 -7.52 26.11 -35.15
N VAL H 76 -6.45 26.46 -35.86
CA VAL H 76 -6.53 26.87 -37.26
C VAL H 76 -5.45 26.18 -38.08
N ILE H 77 -5.84 25.61 -39.22
CA ILE H 77 -4.88 24.99 -40.12
C ILE H 77 -4.99 25.62 -41.51
N PRO H 78 -4.07 26.53 -41.83
CA PRO H 78 -4.11 27.26 -43.11
C PRO H 78 -4.00 26.34 -44.31
N ARG H 79 -3.21 25.28 -44.20
CA ARG H 79 -3.00 24.39 -45.34
C ARG H 79 -3.01 22.92 -44.90
N PRO H 80 -4.22 22.35 -44.75
CA PRO H 80 -4.39 20.95 -44.33
C PRO H 80 -3.83 19.96 -45.35
N HIS H 81 -3.03 19.03 -44.87
CA HIS H 81 -2.41 18.00 -45.70
C HIS H 81 -3.46 17.16 -46.41
N SER H 82 -3.13 16.71 -47.62
CA SER H 82 -4.06 15.92 -48.43
C SER H 82 -4.35 14.56 -47.78
N GLU H 83 -3.50 14.15 -46.84
CA GLU H 83 -3.67 12.88 -46.17
C GLU H 83 -4.90 12.85 -45.27
N LEU H 84 -5.32 14.03 -44.81
CA LEU H 84 -6.44 14.13 -43.87
C LEU H 84 -7.76 13.67 -44.47
N GLY H 85 -7.99 14.01 -45.73
CA GLY H 85 -9.27 13.78 -46.39
C GLY H 85 -9.76 12.35 -46.40
N ALA H 86 -8.83 11.41 -46.27
CA ALA H 86 -9.19 9.99 -46.34
C ALA H 86 -9.79 9.47 -45.03
N HIS H 87 -9.38 10.06 -43.91
CA HIS H 87 -9.87 9.61 -42.61
C HIS H 87 -10.54 10.73 -41.81
N PHE H 88 -10.46 11.95 -42.34
CA PHE H 88 -11.09 13.10 -41.69
C PHE H 88 -11.90 13.91 -42.70
N SER H 89 -12.83 14.72 -42.20
CA SER H 89 -13.64 15.57 -43.06
C SER H 89 -13.16 17.02 -42.99
N VAL H 90 -12.34 17.42 -43.97
CA VAL H 90 -11.79 18.77 -44.00
C VAL H 90 -12.12 19.46 -45.32
N SER I 3 -39.52 35.84 -35.55
CA SER I 3 -40.26 34.59 -35.40
C SER I 3 -39.33 33.37 -35.57
N ASN I 4 -38.07 33.63 -35.91
CA ASN I 4 -37.11 32.56 -36.12
C ASN I 4 -36.14 32.38 -34.95
N ALA I 5 -36.44 33.05 -33.84
CA ALA I 5 -35.59 32.96 -32.66
C ALA I 5 -35.59 31.54 -32.10
N ILE I 6 -34.46 31.11 -31.56
CA ILE I 6 -34.37 29.77 -31.01
C ILE I 6 -33.92 29.78 -29.56
N GLY I 7 -34.51 28.91 -28.77
CA GLY I 7 -34.17 28.76 -27.37
C GLY I 7 -33.58 27.39 -27.10
N LEU I 8 -32.53 27.35 -26.29
CA LEU I 8 -31.80 26.10 -26.05
C LEU I 8 -31.68 25.79 -24.56
N ILE I 9 -32.02 24.55 -24.22
CA ILE I 9 -31.83 24.00 -22.88
C ILE I 9 -31.05 22.69 -22.99
N GLU I 10 -30.01 22.55 -22.19
CA GLU I 10 -29.26 21.30 -22.15
C GLU I 10 -29.14 20.82 -20.72
N THR I 11 -29.52 19.56 -20.51
CA THR I 11 -29.47 18.95 -19.20
C THR I 11 -28.55 17.75 -19.22
N LYS I 12 -28.14 17.31 -18.04
CA LYS I 12 -27.42 16.05 -17.90
C LYS I 12 -28.40 15.00 -17.38
N GLY I 13 -29.11 14.36 -18.30
CA GLY I 13 -30.17 13.43 -17.93
C GLY I 13 -31.40 13.63 -18.78
N TYR I 14 -32.02 12.53 -19.19
CA TYR I 14 -33.18 12.58 -20.08
C TYR I 14 -34.44 13.14 -19.40
N VAL I 15 -34.70 12.67 -18.17
CA VAL I 15 -35.93 13.03 -17.46
C VAL I 15 -36.04 14.53 -17.23
N ALA I 16 -34.94 15.15 -16.81
CA ALA I 16 -34.89 16.60 -16.64
C ALA I 16 -35.10 17.35 -17.96
N ALA I 17 -34.65 16.78 -19.07
CA ALA I 17 -34.82 17.43 -20.37
C ALA I 17 -36.26 17.35 -20.85
N LEU I 18 -36.87 16.18 -20.67
CA LEU I 18 -38.25 15.97 -21.07
C LEU I 18 -39.17 16.84 -20.22
N ALA I 19 -38.86 16.96 -18.94
CA ALA I 19 -39.65 17.81 -18.05
C ALA I 19 -39.52 19.27 -18.47
N ALA I 20 -38.29 19.70 -18.77
CA ALA I 20 -38.07 21.06 -19.22
C ALA I 20 -38.75 21.31 -20.56
N ALA I 21 -38.73 20.31 -21.43
CA ALA I 21 -39.36 20.42 -22.74
C ALA I 21 -40.86 20.68 -22.62
N ASP I 22 -41.51 19.93 -21.74
CA ASP I 22 -42.94 20.08 -21.52
C ASP I 22 -43.21 21.46 -20.91
N ALA I 23 -42.37 21.87 -19.97
CA ALA I 23 -42.53 23.16 -19.32
C ALA I 23 -42.40 24.31 -20.29
N MET I 24 -41.52 24.18 -21.28
CA MET I 24 -41.29 25.24 -22.25
C MET I 24 -42.51 25.49 -23.13
N VAL I 25 -43.10 24.42 -23.65
CA VAL I 25 -44.22 24.57 -24.57
C VAL I 25 -45.52 24.89 -23.83
N LYS I 26 -45.51 24.71 -22.51
CA LYS I 26 -46.68 25.05 -21.71
C LYS I 26 -46.62 26.49 -21.22
N ALA I 27 -45.44 27.10 -21.32
CA ALA I 27 -45.24 28.42 -20.77
C ALA I 27 -45.37 29.52 -21.82
N ALA I 28 -45.11 29.18 -23.09
CA ALA I 28 -45.05 30.20 -24.13
C ALA I 28 -45.32 29.61 -25.51
N ASN I 29 -45.50 30.50 -26.49
CA ASN I 29 -45.84 30.04 -27.84
C ASN I 29 -44.60 29.65 -28.62
N VAL I 30 -44.10 28.44 -28.34
CA VAL I 30 -42.91 27.90 -29.03
C VAL I 30 -43.14 26.46 -29.52
N THR I 31 -42.36 26.06 -30.51
CA THR I 31 -42.44 24.72 -31.05
C THR I 31 -41.13 24.00 -30.85
N ILE I 32 -41.20 22.75 -30.40
CA ILE I 32 -40.00 21.93 -30.29
C ILE I 32 -39.55 21.52 -31.69
N THR I 33 -38.38 21.98 -32.08
CA THR I 33 -37.87 21.74 -33.43
C THR I 33 -36.82 20.63 -33.49
N ASP I 34 -36.00 20.54 -32.45
CA ASP I 34 -34.94 19.54 -32.45
C ASP I 34 -34.63 18.98 -31.07
N ARG I 35 -34.10 17.77 -31.07
CA ARG I 35 -33.62 17.11 -29.87
C ARG I 35 -32.25 16.52 -30.15
N GLN I 36 -31.23 16.97 -29.43
CA GLN I 36 -29.86 16.54 -29.66
C GLN I 36 -29.21 15.95 -28.41
N GLN I 37 -28.67 14.74 -28.55
CA GLN I 37 -27.98 14.07 -27.46
C GLN I 37 -26.55 13.77 -27.88
N VAL I 38 -25.58 14.44 -27.26
CA VAL I 38 -24.19 14.34 -27.69
C VAL I 38 -23.38 13.44 -26.75
N GLY I 39 -24.06 12.70 -25.89
CA GLY I 39 -23.40 11.77 -25.00
C GLY I 39 -23.03 12.38 -23.66
N ASP I 40 -22.49 11.55 -22.78
CA ASP I 40 -22.15 11.93 -21.40
C ASP I 40 -23.39 12.35 -20.61
N GLY I 41 -24.54 11.78 -20.98
CA GLY I 41 -25.78 12.11 -20.31
C GLY I 41 -26.44 13.41 -20.77
N LEU I 42 -25.81 14.09 -21.73
CA LEU I 42 -26.30 15.39 -22.18
C LEU I 42 -27.48 15.28 -23.15
N VAL I 43 -28.54 16.05 -22.88
CA VAL I 43 -29.69 16.11 -23.76
C VAL I 43 -30.06 17.57 -24.01
N ALA I 44 -30.16 17.95 -25.26
CA ALA I 44 -30.47 19.33 -25.62
C ALA I 44 -31.82 19.42 -26.28
N VAL I 45 -32.63 20.37 -25.82
CA VAL I 45 -33.91 20.63 -26.44
C VAL I 45 -33.92 22.02 -27.06
N ILE I 46 -34.36 22.11 -28.30
CA ILE I 46 -34.37 23.37 -29.02
C ILE I 46 -35.80 23.74 -29.40
N VAL I 47 -36.19 24.96 -29.07
CA VAL I 47 -37.51 25.47 -29.43
C VAL I 47 -37.37 26.69 -30.34
N THR I 48 -38.41 26.99 -31.13
CA THR I 48 -38.39 28.21 -31.93
C THR I 48 -39.70 28.98 -31.82
N GLY I 49 -39.62 30.27 -32.13
CA GLY I 49 -40.75 31.17 -32.02
C GLY I 49 -40.23 32.58 -31.90
N GLU I 50 -41.12 33.51 -31.54
CA GLU I 50 -40.70 34.90 -31.36
C GLU I 50 -39.72 35.01 -30.20
N VAL I 51 -38.87 36.04 -30.26
CA VAL I 51 -37.80 36.23 -29.27
C VAL I 51 -38.36 36.28 -27.84
N GLY I 52 -39.46 37.00 -27.67
CA GLY I 52 -40.09 37.12 -26.36
C GLY I 52 -40.59 35.80 -25.82
N ALA I 53 -41.23 35.00 -26.66
CA ALA I 53 -41.75 33.71 -26.23
C ALA I 53 -40.62 32.71 -25.98
N VAL I 54 -39.58 32.79 -26.82
CA VAL I 54 -38.42 31.92 -26.71
C VAL I 54 -37.68 32.15 -25.39
N LYS I 55 -37.54 33.42 -25.00
CA LYS I 55 -36.91 33.73 -23.72
C LYS I 55 -37.76 33.26 -22.54
N ALA I 56 -39.08 33.41 -22.67
CA ALA I 56 -39.99 32.99 -21.61
C ALA I 56 -39.99 31.47 -21.45
N ALA I 57 -40.00 30.75 -22.57
CA ALA I 57 -39.99 29.28 -22.54
C ALA I 57 -38.71 28.72 -21.90
N THR I 58 -37.56 29.25 -22.29
CA THR I 58 -36.29 28.76 -21.75
C THR I 58 -36.16 29.04 -20.26
N GLU I 59 -36.70 30.17 -19.82
CA GLU I 59 -36.70 30.51 -18.40
C GLU I 59 -37.50 29.51 -17.60
N ALA I 60 -38.65 29.11 -18.12
CA ALA I 60 -39.48 28.11 -17.45
C ALA I 60 -38.80 26.74 -17.53
N GLY I 61 -38.21 26.44 -18.68
CA GLY I 61 -37.50 25.19 -18.87
C GLY I 61 -36.31 25.06 -17.93
N ALA I 62 -35.58 26.15 -17.76
CA ALA I 62 -34.38 26.14 -16.91
C ALA I 62 -34.75 25.89 -15.46
N GLU I 63 -35.82 26.52 -15.02
CA GLU I 63 -36.32 26.33 -13.65
C GLU I 63 -36.72 24.88 -13.41
N THR I 64 -37.47 24.30 -14.35
CA THR I 64 -37.93 22.93 -14.22
C THR I 64 -36.77 21.94 -14.27
N ALA I 65 -35.82 22.20 -15.16
CA ALA I 65 -34.67 21.32 -15.29
C ALA I 65 -33.87 21.27 -14.01
N SER I 66 -33.69 22.44 -13.38
CA SER I 66 -32.91 22.52 -12.15
C SER I 66 -33.60 21.82 -10.97
N GLN I 67 -34.92 21.83 -10.98
CA GLN I 67 -35.69 21.19 -9.92
C GLN I 67 -35.69 19.67 -10.11
N VAL I 68 -35.82 19.22 -11.35
CA VAL I 68 -35.95 17.80 -11.62
C VAL I 68 -34.59 17.11 -11.66
N GLY I 69 -33.62 17.73 -12.31
CA GLY I 69 -32.32 17.12 -12.46
C GLY I 69 -31.19 18.13 -12.47
N GLU I 70 -30.30 18.01 -13.44
CA GLU I 70 -29.16 18.90 -13.55
C GLU I 70 -29.23 19.74 -14.83
N LEU I 71 -29.29 21.05 -14.66
CA LEU I 71 -29.26 21.98 -15.80
C LEU I 71 -27.83 22.34 -16.16
N VAL I 72 -27.45 22.08 -17.41
CA VAL I 72 -26.11 22.40 -17.87
C VAL I 72 -26.05 23.80 -18.50
N SER I 73 -26.90 24.04 -19.50
CA SER I 73 -26.90 25.32 -20.19
C SER I 73 -28.29 25.82 -20.57
N VAL I 74 -28.49 27.13 -20.52
CA VAL I 74 -29.66 27.77 -21.07
C VAL I 74 -29.21 28.94 -21.95
N HIS I 75 -29.71 29.00 -23.18
CA HIS I 75 -29.27 30.02 -24.12
C HIS I 75 -30.35 30.40 -25.12
N VAL I 76 -30.30 31.65 -25.59
CA VAL I 76 -31.24 32.12 -26.60
C VAL I 76 -30.49 32.75 -27.76
N ILE I 77 -30.88 32.39 -28.98
CA ILE I 77 -30.36 33.04 -30.16
C ILE I 77 -31.51 33.69 -30.94
N PRO I 78 -31.61 35.02 -30.85
CA PRO I 78 -32.67 35.79 -31.50
C PRO I 78 -32.70 35.61 -33.02
N ARG I 79 -31.54 35.67 -33.66
CA ARG I 79 -31.48 35.65 -35.12
C ARG I 79 -30.47 34.64 -35.65
N PRO I 80 -30.82 33.35 -35.65
CA PRO I 80 -29.90 32.34 -36.17
C PRO I 80 -29.57 32.55 -37.65
N HIS I 81 -28.35 32.19 -38.03
CA HIS I 81 -27.88 32.32 -39.40
C HIS I 81 -28.45 31.21 -40.26
N SER I 82 -28.26 31.31 -41.57
CA SER I 82 -28.71 30.27 -42.49
C SER I 82 -27.68 29.17 -42.72
N GLU I 83 -26.43 29.42 -42.39
CA GLU I 83 -25.40 28.43 -42.67
C GLU I 83 -25.33 27.28 -41.66
N LEU I 84 -26.35 27.16 -40.81
CA LEU I 84 -26.41 26.04 -39.87
C LEU I 84 -27.19 24.89 -40.50
N GLY I 85 -28.10 25.23 -41.41
CA GLY I 85 -29.06 24.29 -41.96
C GLY I 85 -28.58 22.93 -42.45
N ALA I 86 -27.28 22.79 -42.68
CA ALA I 86 -26.74 21.53 -43.20
C ALA I 86 -26.30 20.60 -42.08
N HIS I 87 -25.22 20.96 -41.39
CA HIS I 87 -24.68 20.13 -40.31
C HIS I 87 -25.38 20.38 -38.98
N PHE I 88 -26.31 21.34 -38.96
CA PHE I 88 -27.11 21.58 -37.75
C PHE I 88 -28.60 21.61 -38.07
N SER I 89 -29.08 20.50 -38.62
CA SER I 89 -30.50 20.36 -38.96
C SER I 89 -31.17 19.33 -38.05
N SER J 3 -55.32 9.90 -18.59
CA SER J 3 -55.15 8.56 -19.13
C SER J 3 -53.78 8.38 -19.78
N ASN J 4 -53.24 9.48 -20.30
CA ASN J 4 -51.94 9.45 -20.95
C ASN J 4 -50.90 10.21 -20.13
N ALA J 5 -51.08 10.19 -18.81
CA ALA J 5 -50.10 10.76 -17.90
C ALA J 5 -48.82 9.95 -17.95
N ILE J 6 -47.68 10.60 -17.72
CA ILE J 6 -46.41 9.90 -17.79
C ILE J 6 -45.60 10.04 -16.51
N GLY J 7 -44.93 8.95 -16.13
CA GLY J 7 -44.09 8.93 -14.96
C GLY J 7 -42.64 8.62 -15.32
N LEU J 8 -41.71 9.35 -14.71
CA LEU J 8 -40.32 9.28 -15.12
C LEU J 8 -39.38 8.99 -13.96
N ILE J 9 -38.56 7.96 -14.14
CA ILE J 9 -37.53 7.61 -13.18
C ILE J 9 -36.19 7.53 -13.93
N GLU J 10 -35.18 8.20 -13.39
CA GLU J 10 -33.84 8.11 -13.96
C GLU J 10 -32.84 7.69 -12.89
N THR J 11 -32.00 6.70 -13.19
CA THR J 11 -31.01 6.22 -12.23
C THR J 11 -29.60 6.19 -12.83
N LYS J 12 -28.62 5.91 -12.00
CA LYS J 12 -27.28 5.64 -12.48
C LYS J 12 -27.04 4.14 -12.44
N GLY J 13 -26.96 3.53 -13.63
CA GLY J 13 -26.69 2.11 -13.76
C GLY J 13 -27.92 1.35 -14.22
N TYR J 14 -27.69 0.26 -14.94
CA TYR J 14 -28.80 -0.56 -15.43
C TYR J 14 -29.49 -1.34 -14.33
N VAL J 15 -28.72 -1.80 -13.33
CA VAL J 15 -29.28 -2.64 -12.27
C VAL J 15 -30.32 -1.90 -11.44
N ALA J 16 -29.98 -0.68 -11.05
CA ALA J 16 -30.91 0.16 -10.30
C ALA J 16 -32.15 0.44 -11.16
N ALA J 17 -31.93 0.63 -12.46
CA ALA J 17 -33.01 0.93 -13.40
C ALA J 17 -33.97 -0.24 -13.58
N LEU J 18 -33.43 -1.45 -13.71
CA LEU J 18 -34.26 -2.63 -13.92
C LEU J 18 -35.12 -2.92 -12.69
N ALA J 19 -34.49 -2.85 -11.52
CA ALA J 19 -35.21 -3.05 -10.25
C ALA J 19 -36.26 -1.97 -10.06
N ALA J 20 -35.94 -0.74 -10.48
CA ALA J 20 -36.90 0.34 -10.41
C ALA J 20 -38.07 0.09 -11.35
N ALA J 21 -37.78 -0.27 -12.60
CA ALA J 21 -38.80 -0.60 -13.58
C ALA J 21 -39.67 -1.75 -13.11
N ASP J 22 -39.03 -2.71 -12.44
CA ASP J 22 -39.73 -3.86 -11.88
C ASP J 22 -40.75 -3.41 -10.85
N ALA J 23 -40.31 -2.54 -9.93
CA ALA J 23 -41.17 -2.05 -8.87
C ALA J 23 -42.34 -1.22 -9.41
N MET J 24 -42.09 -0.50 -10.51
CA MET J 24 -43.10 0.40 -11.08
C MET J 24 -44.30 -0.35 -11.66
N VAL J 25 -44.03 -1.37 -12.47
CA VAL J 25 -45.11 -2.14 -13.09
C VAL J 25 -45.84 -3.01 -12.07
N LYS J 26 -45.14 -3.35 -10.99
CA LYS J 26 -45.71 -4.10 -9.88
C LYS J 26 -46.62 -3.22 -9.03
N ALA J 27 -46.27 -1.94 -8.92
CA ALA J 27 -46.97 -1.05 -8.01
C ALA J 27 -48.37 -0.66 -8.49
N ALA J 28 -48.55 -0.60 -9.80
CA ALA J 28 -49.76 0.01 -10.35
C ALA J 28 -50.05 -0.44 -11.77
N ASN J 29 -51.17 0.04 -12.30
CA ASN J 29 -51.54 -0.23 -13.70
C ASN J 29 -50.84 0.71 -14.65
N VAL J 30 -49.52 0.56 -14.79
CA VAL J 30 -48.76 1.36 -15.75
C VAL J 30 -48.11 0.48 -16.80
N THR J 31 -47.71 1.11 -17.91
CA THR J 31 -47.03 0.42 -19.00
C THR J 31 -45.72 1.12 -19.31
N ILE J 32 -44.63 0.36 -19.34
CA ILE J 32 -43.34 0.90 -19.74
C ILE J 32 -43.36 1.18 -21.23
N THR J 33 -43.24 2.45 -21.60
CA THR J 33 -43.38 2.85 -22.99
C THR J 33 -42.12 3.49 -23.58
N ASP J 34 -41.11 3.70 -22.75
CA ASP J 34 -39.83 4.18 -23.24
C ASP J 34 -38.69 3.87 -22.29
N ARG J 35 -37.49 3.77 -22.86
CA ARG J 35 -36.27 3.55 -22.08
C ARG J 35 -35.13 4.33 -22.71
N GLN J 36 -34.54 5.23 -21.94
CA GLN J 36 -33.50 6.11 -22.48
C GLN J 36 -32.18 5.96 -21.72
N GLN J 37 -31.10 5.77 -22.49
CA GLN J 37 -29.77 5.70 -21.94
C GLN J 37 -28.88 6.72 -22.67
N VAL J 38 -28.79 7.93 -22.11
CA VAL J 38 -28.16 9.04 -22.81
C VAL J 38 -26.69 9.23 -22.41
N GLY J 39 -26.13 8.26 -21.70
CA GLY J 39 -24.72 8.30 -21.34
C GLY J 39 -24.45 8.71 -19.91
N ASP J 40 -23.17 8.72 -19.54
CA ASP J 40 -22.74 8.88 -18.16
C ASP J 40 -23.38 7.77 -17.32
N GLY J 41 -23.71 6.68 -17.98
CA GLY J 41 -24.34 5.55 -17.32
C GLY J 41 -25.77 5.84 -16.87
N LEU J 42 -26.37 6.91 -17.37
CA LEU J 42 -27.74 7.27 -16.98
C LEU J 42 -28.77 6.38 -17.69
N VAL J 43 -29.74 5.90 -16.93
CA VAL J 43 -30.81 5.09 -17.49
C VAL J 43 -32.17 5.63 -17.05
N ALA J 44 -33.04 5.89 -18.01
CA ALA J 44 -34.34 6.46 -17.72
C ALA J 44 -35.46 5.50 -18.11
N VAL J 45 -36.44 5.37 -17.22
CA VAL J 45 -37.60 4.53 -17.47
C VAL J 45 -38.86 5.39 -17.50
N ILE J 46 -39.66 5.23 -18.56
CA ILE J 46 -40.86 6.03 -18.74
C ILE J 46 -42.10 5.12 -18.70
N VAL J 47 -43.07 5.47 -17.86
CA VAL J 47 -44.32 4.72 -17.80
C VAL J 47 -45.49 5.63 -18.11
N THR J 48 -46.59 5.04 -18.57
CA THR J 48 -47.79 5.81 -18.86
C THR J 48 -49.01 5.15 -18.25
N GLY J 49 -50.09 5.93 -18.16
CA GLY J 49 -51.33 5.47 -17.55
C GLY J 49 -52.02 6.61 -16.82
N GLU J 50 -52.99 6.25 -15.98
CA GLU J 50 -53.70 7.24 -15.17
C GLU J 50 -52.77 7.92 -14.19
N VAL J 51 -53.07 9.18 -13.88
CA VAL J 51 -52.26 9.98 -12.98
C VAL J 51 -52.00 9.29 -11.64
N GLY J 52 -53.07 8.79 -11.03
CA GLY J 52 -52.98 8.09 -9.77
C GLY J 52 -52.06 6.88 -9.84
N ALA J 53 -52.23 6.09 -10.90
CA ALA J 53 -51.39 4.91 -11.10
C ALA J 53 -49.95 5.32 -11.38
N VAL J 54 -49.79 6.37 -12.19
CA VAL J 54 -48.46 6.87 -12.54
C VAL J 54 -47.70 7.34 -11.30
N LYS J 55 -48.40 8.07 -10.44
CA LYS J 55 -47.80 8.58 -9.21
C LYS J 55 -47.36 7.44 -8.30
N ALA J 56 -48.21 6.42 -8.15
CA ALA J 56 -47.87 5.29 -7.32
C ALA J 56 -46.66 4.55 -7.87
N ALA J 57 -46.66 4.33 -9.19
CA ALA J 57 -45.55 3.64 -9.85
C ALA J 57 -44.23 4.37 -9.63
N THR J 58 -44.24 5.69 -9.79
CA THR J 58 -43.02 6.48 -9.66
C THR J 58 -42.49 6.49 -8.23
N GLU J 59 -43.39 6.47 -7.26
CA GLU J 59 -42.99 6.47 -5.85
C GLU J 59 -42.31 5.16 -5.49
N ALA J 60 -42.84 4.05 -5.98
CA ALA J 60 -42.23 2.75 -5.76
C ALA J 60 -40.88 2.67 -6.49
N GLY J 61 -40.88 3.11 -7.75
CA GLY J 61 -39.67 3.16 -8.54
C GLY J 61 -38.58 3.97 -7.88
N ALA J 62 -38.93 5.14 -7.36
CA ALA J 62 -37.96 6.00 -6.67
C ALA J 62 -37.39 5.30 -5.45
N GLU J 63 -38.27 4.70 -4.65
CA GLU J 63 -37.85 4.01 -3.43
C GLU J 63 -36.86 2.87 -3.71
N THR J 64 -37.20 2.03 -4.68
CA THR J 64 -36.37 0.88 -5.04
C THR J 64 -35.02 1.32 -5.62
N ALA J 65 -35.05 2.38 -6.43
CA ALA J 65 -33.83 2.90 -7.04
C ALA J 65 -32.82 3.33 -5.99
N SER J 66 -33.30 4.02 -4.96
CA SER J 66 -32.43 4.52 -3.90
C SER J 66 -31.83 3.37 -3.07
N GLN J 67 -32.59 2.29 -2.93
CA GLN J 67 -32.11 1.12 -2.20
C GLN J 67 -31.03 0.39 -3.00
N VAL J 68 -31.29 0.20 -4.29
CA VAL J 68 -30.38 -0.58 -5.13
C VAL J 68 -29.14 0.22 -5.53
N GLY J 69 -29.37 1.42 -6.05
CA GLY J 69 -28.26 2.26 -6.49
C GLY J 69 -28.51 3.72 -6.17
N GLU J 70 -28.36 4.56 -7.18
CA GLU J 70 -28.54 6.00 -7.00
C GLU J 70 -29.72 6.52 -7.81
N LEU J 71 -30.61 7.25 -7.13
CA LEU J 71 -31.73 7.90 -7.80
C LEU J 71 -31.30 9.25 -8.32
N VAL J 72 -31.45 9.45 -9.64
CA VAL J 72 -31.10 10.72 -10.26
C VAL J 72 -32.29 11.67 -10.32
N SER J 73 -33.36 11.21 -10.96
CA SER J 73 -34.54 12.05 -11.16
C SER J 73 -35.85 11.27 -11.00
N VAL J 74 -36.84 11.93 -10.40
CA VAL J 74 -38.20 11.40 -10.35
C VAL J 74 -39.18 12.52 -10.70
N HIS J 75 -40.06 12.26 -11.66
CA HIS J 75 -40.96 13.29 -12.13
C HIS J 75 -42.26 12.70 -12.67
N VAL J 76 -43.33 13.48 -12.60
CA VAL J 76 -44.62 13.09 -13.13
C VAL J 76 -45.22 14.21 -13.96
N ILE J 77 -45.69 13.90 -15.16
CA ILE J 77 -46.40 14.87 -15.97
C ILE J 77 -47.84 14.39 -16.22
N PRO J 78 -48.79 14.96 -15.47
CA PRO J 78 -50.20 14.57 -15.54
C PRO J 78 -50.76 14.66 -16.95
N ARG J 79 -50.46 15.74 -17.66
CA ARG J 79 -51.01 15.95 -18.99
C ARG J 79 -49.96 16.51 -19.95
N PRO J 80 -49.18 15.61 -20.56
CA PRO J 80 -48.13 15.98 -21.51
C PRO J 80 -48.66 16.81 -22.67
N HIS J 81 -47.89 17.81 -23.09
CA HIS J 81 -48.22 18.64 -24.23
C HIS J 81 -48.18 17.82 -25.52
N SER J 82 -49.02 18.20 -26.49
CA SER J 82 -49.09 17.49 -27.77
C SER J 82 -47.81 17.64 -28.58
N GLU J 83 -47.01 18.64 -28.25
CA GLU J 83 -45.74 18.87 -28.93
C GLU J 83 -44.70 17.80 -28.62
N LEU J 84 -44.85 17.12 -27.49
CA LEU J 84 -43.83 16.18 -27.01
C LEU J 84 -43.66 14.96 -27.91
N GLY J 85 -44.78 14.46 -28.42
CA GLY J 85 -44.80 13.24 -29.21
C GLY J 85 -43.95 13.26 -30.47
N ALA J 86 -43.55 14.46 -30.90
CA ALA J 86 -42.74 14.60 -32.10
C ALA J 86 -41.30 14.16 -31.86
N HIS J 87 -40.76 14.53 -30.71
CA HIS J 87 -39.34 14.28 -30.43
C HIS J 87 -39.12 13.41 -29.21
N PHE J 88 -40.20 13.10 -28.49
CA PHE J 88 -40.09 12.28 -27.29
C PHE J 88 -41.09 11.13 -27.30
N SER J 89 -40.64 9.98 -26.82
CA SER J 89 -41.50 8.80 -26.73
C SER J 89 -42.21 8.76 -25.39
N VAL J 90 -43.43 9.31 -25.35
CA VAL J 90 -44.19 9.37 -24.12
C VAL J 90 -45.54 8.66 -24.26
N SER J 91 -45.67 7.83 -25.29
CA SER J 91 -46.90 7.08 -25.51
C SER J 91 -46.78 5.65 -25.00
N SER K 3 -36.56 -20.86 -10.17
CA SER K 3 -36.54 -21.10 -11.60
C SER K 3 -36.57 -19.78 -12.36
N ASN K 4 -37.19 -18.77 -11.76
CA ASN K 4 -37.43 -17.49 -12.44
C ASN K 4 -36.76 -16.29 -11.77
N ALA K 5 -36.11 -16.52 -10.62
CA ALA K 5 -35.37 -15.47 -9.94
C ALA K 5 -34.21 -14.98 -10.81
N ILE K 6 -33.93 -13.69 -10.76
CA ILE K 6 -32.83 -13.14 -11.55
C ILE K 6 -31.76 -12.52 -10.65
N GLY K 7 -30.50 -12.72 -11.04
CA GLY K 7 -29.38 -12.13 -10.34
C GLY K 7 -28.72 -11.06 -11.19
N LEU K 8 -28.37 -9.94 -10.55
CA LEU K 8 -27.83 -8.79 -11.27
C LEU K 8 -26.46 -8.38 -10.73
N ILE K 9 -25.48 -8.26 -11.63
CA ILE K 9 -24.18 -7.72 -11.28
C ILE K 9 -23.83 -6.58 -12.24
N GLU K 10 -23.39 -5.46 -11.69
CA GLU K 10 -22.97 -4.35 -12.52
C GLU K 10 -21.55 -3.94 -12.16
N THR K 11 -20.68 -3.86 -13.17
CA THR K 11 -19.31 -3.40 -12.97
C THR K 11 -19.01 -2.27 -13.95
N LYS K 12 -17.87 -1.62 -13.75
CA LYS K 12 -17.35 -0.69 -14.74
C LYS K 12 -16.11 -1.32 -15.38
N GLY K 13 -16.29 -1.83 -16.58
CA GLY K 13 -15.23 -2.55 -17.27
C GLY K 13 -15.73 -3.89 -17.77
N TYR K 14 -15.39 -4.22 -19.01
CA TYR K 14 -15.82 -5.47 -19.60
C TYR K 14 -15.18 -6.67 -18.89
N VAL K 15 -13.90 -6.52 -18.54
CA VAL K 15 -13.13 -7.61 -17.93
C VAL K 15 -13.66 -8.04 -16.57
N ALA K 16 -13.95 -7.07 -15.71
CA ALA K 16 -14.52 -7.35 -14.39
C ALA K 16 -15.88 -8.04 -14.52
N ALA K 17 -16.69 -7.57 -15.47
CA ALA K 17 -17.99 -8.16 -15.72
C ALA K 17 -17.86 -9.59 -16.24
N LEU K 18 -16.96 -9.79 -17.20
CA LEU K 18 -16.73 -11.10 -17.77
C LEU K 18 -16.29 -12.09 -16.70
N ALA K 19 -15.37 -11.66 -15.84
CA ALA K 19 -14.88 -12.49 -14.76
C ALA K 19 -15.98 -12.76 -13.73
N ALA K 20 -16.82 -11.76 -13.49
CA ALA K 20 -17.93 -11.93 -12.57
C ALA K 20 -18.96 -12.90 -13.13
N ALA K 21 -19.28 -12.72 -14.42
CA ALA K 21 -20.24 -13.58 -15.08
C ALA K 21 -19.75 -15.02 -15.08
N ASP K 22 -18.45 -15.18 -15.28
CA ASP K 22 -17.83 -16.50 -15.30
C ASP K 22 -17.91 -17.17 -13.92
N ALA K 23 -17.69 -16.39 -12.88
CA ALA K 23 -17.77 -16.90 -11.51
C ALA K 23 -19.19 -17.31 -11.14
N MET K 24 -20.17 -16.60 -11.69
CA MET K 24 -21.56 -16.85 -11.34
C MET K 24 -22.06 -18.19 -11.87
N VAL K 25 -21.74 -18.49 -13.13
CA VAL K 25 -22.19 -19.73 -13.73
C VAL K 25 -21.33 -20.93 -13.29
N LYS K 26 -20.24 -20.64 -12.58
CA LYS K 26 -19.39 -21.68 -12.04
C LYS K 26 -19.82 -22.07 -10.63
N ALA K 27 -20.32 -21.09 -9.88
CA ALA K 27 -20.65 -21.30 -8.48
C ALA K 27 -21.98 -22.02 -8.30
N ALA K 28 -22.94 -21.73 -9.17
CA ALA K 28 -24.27 -22.32 -9.06
C ALA K 28 -24.87 -22.64 -10.42
N ASN K 29 -26.04 -23.26 -10.39
CA ASN K 29 -26.76 -23.63 -11.61
C ASN K 29 -27.62 -22.47 -12.10
N VAL K 30 -26.97 -21.46 -12.64
CA VAL K 30 -27.66 -20.29 -13.18
C VAL K 30 -27.32 -20.10 -14.65
N THR K 31 -28.18 -19.36 -15.36
CA THR K 31 -28.03 -19.14 -16.79
C THR K 31 -27.95 -17.66 -17.11
N ILE K 32 -26.88 -17.26 -17.80
CA ILE K 32 -26.74 -15.86 -18.22
C ILE K 32 -27.83 -15.49 -19.21
N THR K 33 -28.77 -14.66 -18.76
CA THR K 33 -29.93 -14.29 -19.55
C THR K 33 -29.66 -13.09 -20.44
N ASP K 34 -29.07 -12.05 -19.86
CA ASP K 34 -28.89 -10.81 -20.58
C ASP K 34 -27.55 -10.15 -20.28
N ARG K 35 -27.18 -9.20 -21.11
CA ARG K 35 -25.96 -8.43 -20.97
C ARG K 35 -26.24 -6.99 -21.40
N GLN K 36 -26.05 -6.04 -20.48
CA GLN K 36 -26.40 -4.66 -20.77
C GLN K 36 -25.23 -3.72 -20.61
N GLN K 37 -25.16 -2.74 -21.51
CA GLN K 37 -24.11 -1.72 -21.50
C GLN K 37 -24.75 -0.34 -21.66
N VAL K 38 -24.74 0.45 -20.59
CA VAL K 38 -25.44 1.73 -20.59
C VAL K 38 -24.49 2.92 -20.63
N GLY K 39 -23.26 2.71 -21.09
CA GLY K 39 -22.28 3.78 -21.15
C GLY K 39 -21.57 3.97 -19.83
N ASP K 40 -20.58 4.87 -19.82
CA ASP K 40 -19.74 5.13 -18.65
C ASP K 40 -18.90 3.90 -18.33
N GLY K 41 -18.78 3.00 -19.30
CA GLY K 41 -18.06 1.76 -19.10
C GLY K 41 -18.83 0.76 -18.26
N LEU K 42 -20.10 1.09 -17.97
CA LEU K 42 -20.93 0.21 -17.15
C LEU K 42 -21.37 -1.02 -17.91
N VAL K 43 -21.17 -2.18 -17.30
CA VAL K 43 -21.60 -3.44 -17.89
C VAL K 43 -22.42 -4.22 -16.87
N ALA K 44 -23.62 -4.63 -17.30
CA ALA K 44 -24.52 -5.35 -16.41
C ALA K 44 -24.69 -6.78 -16.90
N VAL K 45 -24.47 -7.73 -16.00
CA VAL K 45 -24.69 -9.14 -16.32
C VAL K 45 -25.89 -9.67 -15.56
N ILE K 46 -26.81 -10.31 -16.27
CA ILE K 46 -28.02 -10.81 -15.66
C ILE K 46 -28.10 -12.33 -15.80
N VAL K 47 -28.29 -13.01 -14.67
CA VAL K 47 -28.45 -14.46 -14.66
C VAL K 47 -29.83 -14.83 -14.11
N THR K 48 -30.31 -16.01 -14.49
CA THR K 48 -31.59 -16.51 -13.97
C THR K 48 -31.46 -17.93 -13.45
N GLY K 49 -32.41 -18.34 -12.62
CA GLY K 49 -32.42 -19.67 -12.06
C GLY K 49 -33.16 -19.71 -10.74
N GLU K 50 -32.96 -20.78 -9.97
CA GLU K 50 -33.57 -20.90 -8.66
C GLU K 50 -33.01 -19.84 -7.73
N VAL K 51 -33.84 -19.34 -6.82
CA VAL K 51 -33.51 -18.21 -5.95
C VAL K 51 -32.21 -18.39 -5.16
N GLY K 52 -32.07 -19.54 -4.51
CA GLY K 52 -30.87 -19.83 -3.74
C GLY K 52 -29.64 -19.93 -4.61
N ALA K 53 -29.82 -20.45 -5.82
CA ALA K 53 -28.73 -20.56 -6.78
C ALA K 53 -28.33 -19.18 -7.30
N VAL K 54 -29.34 -18.34 -7.52
CA VAL K 54 -29.13 -16.96 -7.94
C VAL K 54 -28.40 -16.18 -6.85
N LYS K 55 -28.81 -16.40 -5.61
CA LYS K 55 -28.17 -15.75 -4.46
C LYS K 55 -26.69 -16.14 -4.35
N ALA K 56 -26.42 -17.44 -4.41
CA ALA K 56 -25.04 -17.92 -4.34
C ALA K 56 -24.23 -17.43 -5.54
N ALA K 57 -24.88 -17.31 -6.70
CA ALA K 57 -24.21 -16.82 -7.90
C ALA K 57 -23.74 -15.39 -7.73
N THR K 58 -24.66 -14.50 -7.35
CA THR K 58 -24.36 -13.08 -7.27
C THR K 58 -23.31 -12.78 -6.20
N GLU K 59 -23.29 -13.57 -5.15
CA GLU K 59 -22.29 -13.42 -4.10
C GLU K 59 -20.90 -13.70 -4.67
N ALA K 60 -20.78 -14.79 -5.42
CA ALA K 60 -19.51 -15.15 -6.05
C ALA K 60 -19.14 -14.13 -7.12
N GLY K 61 -20.15 -13.64 -7.83
CA GLY K 61 -19.93 -12.66 -8.87
C GLY K 61 -19.46 -11.32 -8.32
N ALA K 62 -20.00 -10.96 -7.15
CA ALA K 62 -19.63 -9.71 -6.50
C ALA K 62 -18.19 -9.75 -6.02
N GLU K 63 -17.77 -10.88 -5.47
CA GLU K 63 -16.41 -11.04 -4.98
C GLU K 63 -15.39 -10.97 -6.11
N THR K 64 -15.61 -11.75 -7.16
CA THR K 64 -14.71 -11.77 -8.30
C THR K 64 -14.63 -10.39 -8.96
N ALA K 65 -15.79 -9.75 -9.13
CA ALA K 65 -15.83 -8.41 -9.71
C ALA K 65 -15.03 -7.41 -8.89
N SER K 66 -15.05 -7.60 -7.57
CA SER K 66 -14.31 -6.71 -6.67
C SER K 66 -12.81 -6.99 -6.75
N GLN K 67 -12.45 -8.26 -6.86
CA GLN K 67 -11.05 -8.66 -6.92
C GLN K 67 -10.43 -8.40 -8.30
N VAL K 68 -11.25 -8.40 -9.34
CA VAL K 68 -10.75 -8.14 -10.68
C VAL K 68 -10.73 -6.64 -11.03
N GLY K 69 -11.81 -5.94 -10.68
CA GLY K 69 -11.92 -4.51 -10.96
C GLY K 69 -12.78 -3.78 -9.95
N GLU K 70 -13.73 -2.99 -10.43
CA GLU K 70 -14.59 -2.22 -9.53
C GLU K 70 -16.04 -2.69 -9.55
N LEU K 71 -16.49 -3.22 -8.43
CA LEU K 71 -17.88 -3.65 -8.30
C LEU K 71 -18.80 -2.46 -7.99
N VAL K 72 -19.80 -2.25 -8.83
CA VAL K 72 -20.72 -1.14 -8.66
C VAL K 72 -22.00 -1.56 -7.97
N SER K 73 -22.74 -2.48 -8.58
CA SER K 73 -24.05 -2.86 -8.08
C SER K 73 -24.25 -4.38 -8.05
N VAL K 74 -24.94 -4.84 -7.02
CA VAL K 74 -25.29 -6.25 -6.89
C VAL K 74 -26.70 -6.38 -6.32
N HIS K 75 -27.59 -7.04 -7.04
CA HIS K 75 -28.99 -7.11 -6.66
C HIS K 75 -29.62 -8.45 -7.05
N VAL K 76 -30.60 -8.87 -6.26
CA VAL K 76 -31.35 -10.09 -6.54
C VAL K 76 -32.84 -9.81 -6.54
N ILE K 77 -33.52 -10.23 -7.61
CA ILE K 77 -34.97 -10.14 -7.68
C ILE K 77 -35.58 -11.54 -7.71
N PRO K 78 -36.09 -12.01 -6.55
CA PRO K 78 -36.65 -13.35 -6.41
C PRO K 78 -37.81 -13.63 -7.36
N ARG K 79 -38.77 -12.71 -7.43
CA ARG K 79 -39.94 -12.88 -8.27
C ARG K 79 -40.15 -11.66 -9.15
N PRO K 80 -39.43 -11.59 -10.28
CA PRO K 80 -39.56 -10.46 -11.21
C PRO K 80 -40.90 -10.47 -11.94
N HIS K 81 -41.43 -9.29 -12.21
CA HIS K 81 -42.66 -9.15 -12.96
C HIS K 81 -42.46 -9.69 -14.38
N SER K 82 -43.47 -10.35 -14.92
CA SER K 82 -43.36 -11.01 -16.21
C SER K 82 -43.21 -10.02 -17.37
N GLU K 83 -44.03 -8.97 -17.37
CA GLU K 83 -44.03 -8.02 -18.48
C GLU K 83 -42.79 -7.13 -18.52
N LEU K 84 -41.90 -7.32 -17.55
CA LEU K 84 -40.66 -6.56 -17.49
C LEU K 84 -39.73 -6.98 -18.62
N GLY K 85 -39.90 -8.20 -19.12
CA GLY K 85 -39.07 -8.71 -20.20
C GLY K 85 -39.59 -8.37 -21.59
N ALA K 86 -40.47 -7.36 -21.66
CA ALA K 86 -41.05 -6.95 -22.94
C ALA K 86 -40.56 -5.56 -23.34
N HIS K 87 -39.65 -5.00 -22.56
CA HIS K 87 -39.01 -3.72 -22.89
C HIS K 87 -37.67 -3.64 -22.17
N PHE K 88 -37.37 -4.68 -21.38
CA PHE K 88 -36.09 -4.80 -20.71
C PHE K 88 -35.52 -6.20 -20.92
N SER L 3 -5.55 -25.43 -23.40
CA SER L 3 -5.68 -24.79 -24.71
C SER L 3 -6.88 -23.86 -24.74
N ASN L 4 -7.53 -23.71 -23.60
CA ASN L 4 -8.80 -23.00 -23.54
C ASN L 4 -8.78 -21.72 -22.70
N ALA L 5 -7.68 -21.50 -21.99
CA ALA L 5 -7.57 -20.36 -21.10
C ALA L 5 -7.68 -19.04 -21.84
N ILE L 6 -8.26 -18.03 -21.20
CA ILE L 6 -8.35 -16.71 -21.81
C ILE L 6 -7.62 -15.66 -20.97
N GLY L 7 -6.98 -14.71 -21.64
CA GLY L 7 -6.27 -13.64 -20.99
C GLY L 7 -6.94 -12.30 -21.20
N LEU L 8 -7.02 -11.51 -20.14
CA LEU L 8 -7.81 -10.28 -20.16
C LEU L 8 -6.97 -9.06 -19.84
N ILE L 9 -7.02 -8.08 -20.74
CA ILE L 9 -6.38 -6.78 -20.50
C ILE L 9 -7.36 -5.66 -20.84
N GLU L 10 -7.63 -4.82 -19.85
CA GLU L 10 -8.49 -3.67 -20.10
C GLU L 10 -7.74 -2.38 -19.83
N THR L 11 -7.79 -1.48 -20.80
CA THR L 11 -7.19 -0.17 -20.66
C THR L 11 -8.23 0.90 -20.90
N LYS L 12 -7.96 2.12 -20.45
CA LYS L 12 -8.76 3.25 -20.88
C LYS L 12 -7.99 3.97 -21.97
N GLY L 13 -8.28 3.62 -23.22
CA GLY L 13 -7.57 4.17 -24.35
C GLY L 13 -7.25 3.11 -25.38
N TYR L 14 -7.43 3.47 -26.66
CA TYR L 14 -7.18 2.53 -27.75
C TYR L 14 -5.70 2.22 -27.91
N VAL L 15 -4.87 3.25 -27.76
CA VAL L 15 -3.43 3.11 -27.97
C VAL L 15 -2.82 2.14 -26.95
N ALA L 16 -3.23 2.29 -25.69
CA ALA L 16 -2.74 1.40 -24.65
C ALA L 16 -3.15 -0.04 -24.91
N ALA L 17 -4.38 -0.23 -25.39
CA ALA L 17 -4.89 -1.57 -25.68
C ALA L 17 -4.17 -2.21 -26.86
N LEU L 18 -3.93 -1.43 -27.90
CA LEU L 18 -3.26 -1.94 -29.09
C LEU L 18 -1.83 -2.36 -28.76
N ALA L 19 -1.13 -1.52 -28.01
CA ALA L 19 0.25 -1.81 -27.61
C ALA L 19 0.29 -3.04 -26.72
N ALA L 20 -0.70 -3.17 -25.84
CA ALA L 20 -0.78 -4.32 -24.96
C ALA L 20 -1.10 -5.59 -25.75
N ALA L 21 -2.05 -5.49 -26.67
CA ALA L 21 -2.42 -6.63 -27.51
C ALA L 21 -1.21 -7.12 -28.31
N ASP L 22 -0.44 -6.17 -28.85
CA ASP L 22 0.75 -6.48 -29.62
C ASP L 22 1.80 -7.17 -28.75
N ALA L 23 1.91 -6.73 -27.50
CA ALA L 23 2.82 -7.33 -26.55
C ALA L 23 2.36 -8.73 -26.15
N MET L 24 1.05 -8.93 -26.12
CA MET L 24 0.49 -10.22 -25.72
C MET L 24 0.80 -11.31 -26.76
N VAL L 25 0.49 -11.06 -28.03
CA VAL L 25 0.70 -12.06 -29.07
C VAL L 25 2.19 -12.32 -29.35
N LYS L 26 3.03 -11.33 -29.09
CA LYS L 26 4.47 -11.49 -29.24
C LYS L 26 5.07 -12.34 -28.11
N ALA L 27 4.49 -12.23 -26.92
CA ALA L 27 5.06 -12.83 -25.73
C ALA L 27 4.97 -14.34 -25.71
N ALA L 28 3.88 -14.88 -26.25
CA ALA L 28 3.65 -16.32 -26.18
C ALA L 28 2.74 -16.79 -27.31
N ASN L 29 2.36 -18.07 -27.23
CA ASN L 29 1.53 -18.68 -28.26
C ASN L 29 0.05 -18.48 -27.98
N VAL L 30 -0.40 -17.22 -27.96
CA VAL L 30 -1.82 -16.94 -27.77
C VAL L 30 -2.42 -16.41 -29.06
N THR L 31 -3.73 -16.21 -29.04
CA THR L 31 -4.44 -15.72 -30.21
C THR L 31 -5.51 -14.73 -29.80
N ILE L 32 -5.44 -13.51 -30.33
CA ILE L 32 -6.47 -12.52 -30.09
C ILE L 32 -7.78 -13.01 -30.68
N THR L 33 -8.78 -13.24 -29.84
CA THR L 33 -10.03 -13.82 -30.32
C THR L 33 -11.21 -12.89 -30.07
N ASP L 34 -11.00 -11.86 -29.26
CA ASP L 34 -12.08 -10.92 -28.97
C ASP L 34 -11.56 -9.52 -28.66
N ARG L 35 -12.39 -8.54 -28.95
CA ARG L 35 -12.09 -7.13 -28.69
C ARG L 35 -13.38 -6.44 -28.36
N GLN L 36 -13.48 -5.92 -27.13
CA GLN L 36 -14.71 -5.32 -26.68
C GLN L 36 -14.54 -3.85 -26.37
N GLN L 37 -15.62 -3.09 -26.57
CA GLN L 37 -15.62 -1.65 -26.36
C GLN L 37 -16.93 -1.20 -25.73
N VAL L 38 -16.89 -0.91 -24.42
CA VAL L 38 -18.11 -0.58 -23.68
C VAL L 38 -18.14 0.87 -23.19
N GLY L 39 -17.40 1.75 -23.85
CA GLY L 39 -17.48 3.18 -23.57
C GLY L 39 -16.61 3.64 -22.40
N ASP L 40 -16.63 4.95 -22.16
CA ASP L 40 -15.79 5.61 -21.15
C ASP L 40 -14.29 5.40 -21.40
N GLY L 41 -13.91 5.27 -22.66
CA GLY L 41 -12.51 5.11 -23.01
C GLY L 41 -11.93 3.73 -22.75
N LEU L 42 -12.62 2.94 -21.93
CA LEU L 42 -12.18 1.59 -21.60
C LEU L 42 -12.07 0.71 -22.84
N VAL L 43 -10.95 0.00 -22.99
CA VAL L 43 -10.80 -0.94 -24.10
C VAL L 43 -10.24 -2.26 -23.60
N ALA L 44 -10.93 -3.35 -23.93
CA ALA L 44 -10.54 -4.67 -23.46
C ALA L 44 -10.06 -5.54 -24.61
N VAL L 45 -8.99 -6.30 -24.34
CA VAL L 45 -8.47 -7.25 -25.31
C VAL L 45 -8.43 -8.65 -24.69
N ILE L 46 -8.90 -9.63 -25.45
CA ILE L 46 -8.96 -11.00 -24.96
C ILE L 46 -8.19 -11.94 -25.89
N VAL L 47 -7.27 -12.71 -25.31
CA VAL L 47 -6.53 -13.72 -26.06
C VAL L 47 -6.80 -15.11 -25.49
N THR L 48 -6.62 -16.14 -26.30
CA THR L 48 -6.85 -17.51 -25.84
C THR L 48 -5.65 -18.39 -26.13
N GLY L 49 -5.61 -19.55 -25.49
CA GLY L 49 -4.54 -20.51 -25.69
C GLY L 49 -4.30 -21.35 -24.45
N GLU L 50 -3.12 -21.97 -24.38
CA GLU L 50 -2.76 -22.75 -23.21
C GLU L 50 -2.53 -21.81 -22.03
N VAL L 51 -2.84 -22.29 -20.83
CA VAL L 51 -2.80 -21.47 -19.61
C VAL L 51 -1.48 -20.72 -19.39
N GLY L 52 -0.36 -21.44 -19.45
CA GLY L 52 0.94 -20.84 -19.21
C GLY L 52 1.30 -19.78 -20.24
N ALA L 53 0.88 -20.00 -21.47
CA ALA L 53 1.08 -19.02 -22.54
C ALA L 53 0.21 -17.79 -22.28
N VAL L 54 -1.05 -18.02 -21.91
CA VAL L 54 -1.96 -16.94 -21.55
C VAL L 54 -1.45 -16.14 -20.36
N LYS L 55 -0.95 -16.83 -19.34
CA LYS L 55 -0.31 -16.19 -18.20
C LYS L 55 0.85 -15.30 -18.67
N ALA L 56 1.71 -15.86 -19.50
CA ALA L 56 2.87 -15.13 -20.01
C ALA L 56 2.44 -13.94 -20.86
N ALA L 57 1.37 -14.11 -21.63
CA ALA L 57 0.88 -13.07 -22.52
C ALA L 57 0.35 -11.87 -21.72
N THR L 58 -0.46 -12.15 -20.71
CA THR L 58 -1.08 -11.08 -19.92
C THR L 58 -0.06 -10.28 -19.11
N GLU L 59 0.94 -10.96 -18.57
CA GLU L 59 1.98 -10.28 -17.79
C GLU L 59 2.71 -9.27 -18.66
N ALA L 60 3.00 -9.65 -19.89
CA ALA L 60 3.67 -8.76 -20.83
C ALA L 60 2.74 -7.65 -21.29
N GLY L 61 1.46 -7.99 -21.48
CA GLY L 61 0.46 -7.02 -21.86
C GLY L 61 0.26 -5.96 -20.80
N ALA L 62 0.24 -6.40 -19.54
CA ALA L 62 0.06 -5.50 -18.41
C ALA L 62 1.22 -4.52 -18.28
N GLU L 63 2.44 -5.03 -18.47
CA GLU L 63 3.64 -4.21 -18.39
C GLU L 63 3.61 -3.11 -19.44
N THR L 64 3.29 -3.49 -20.68
CA THR L 64 3.25 -2.55 -21.78
C THR L 64 2.13 -1.52 -21.60
N ALA L 65 0.96 -2.00 -21.20
CA ALA L 65 -0.18 -1.12 -20.96
C ALA L 65 0.12 -0.07 -19.90
N SER L 66 0.93 -0.46 -18.91
CA SER L 66 1.28 0.43 -17.81
C SER L 66 2.31 1.48 -18.26
N GLN L 67 3.22 1.08 -19.12
CA GLN L 67 4.26 1.97 -19.61
C GLN L 67 3.67 3.02 -20.56
N VAL L 68 2.68 2.62 -21.35
CA VAL L 68 2.07 3.52 -22.32
C VAL L 68 1.04 4.42 -21.64
N GLY L 69 0.39 3.92 -20.59
CA GLY L 69 -0.57 4.70 -19.84
C GLY L 69 -1.12 3.99 -18.63
N GLU L 70 -2.43 4.01 -18.47
CA GLU L 70 -3.06 3.39 -17.31
C GLU L 70 -3.66 2.03 -17.62
N LEU L 71 -3.40 1.08 -16.73
CA LEU L 71 -3.93 -0.26 -16.84
C LEU L 71 -5.15 -0.41 -15.94
N VAL L 72 -6.33 -0.60 -16.55
CA VAL L 72 -7.57 -0.72 -15.79
C VAL L 72 -7.71 -2.10 -15.14
N SER L 73 -7.56 -3.16 -15.92
CA SER L 73 -7.64 -4.51 -15.38
C SER L 73 -6.76 -5.52 -16.12
N VAL L 74 -6.23 -6.48 -15.37
CA VAL L 74 -5.51 -7.61 -15.92
C VAL L 74 -5.95 -8.86 -15.16
N HIS L 75 -6.36 -9.88 -15.89
CA HIS L 75 -6.92 -11.07 -15.28
C HIS L 75 -6.83 -12.29 -16.21
N VAL L 76 -6.63 -13.47 -15.62
CA VAL L 76 -6.56 -14.72 -16.37
C VAL L 76 -7.64 -15.71 -15.94
N ILE L 77 -8.33 -16.30 -16.91
CA ILE L 77 -9.28 -17.37 -16.63
C ILE L 77 -8.87 -18.68 -17.30
N PRO L 78 -8.36 -19.63 -16.50
CA PRO L 78 -7.91 -20.94 -17.00
C PRO L 78 -9.00 -21.73 -17.73
N ARG L 79 -10.23 -21.72 -17.22
CA ARG L 79 -11.29 -22.51 -17.83
C ARG L 79 -12.58 -21.73 -17.97
N PRO L 80 -12.68 -20.92 -19.03
CA PRO L 80 -13.91 -20.17 -19.30
C PRO L 80 -15.11 -21.10 -19.46
N HIS L 81 -16.19 -20.81 -18.75
CA HIS L 81 -17.39 -21.63 -18.78
C HIS L 81 -18.04 -21.58 -20.16
N SER L 82 -18.57 -22.71 -20.61
CA SER L 82 -19.20 -22.81 -21.92
C SER L 82 -20.47 -21.97 -22.01
N GLU L 83 -20.99 -21.57 -20.85
CA GLU L 83 -22.20 -20.76 -20.80
C GLU L 83 -21.93 -19.30 -21.15
N LEU L 84 -20.65 -18.93 -21.28
CA LEU L 84 -20.26 -17.57 -21.61
C LEU L 84 -20.35 -17.31 -23.11
N GLY L 85 -20.16 -18.35 -23.91
CA GLY L 85 -20.05 -18.22 -25.35
C GLY L 85 -21.28 -17.72 -26.10
N ALA L 86 -22.37 -17.48 -25.38
CA ALA L 86 -23.59 -16.98 -25.99
C ALA L 86 -23.70 -15.46 -25.88
N HIS L 87 -23.13 -14.91 -24.80
CA HIS L 87 -23.21 -13.48 -24.54
C HIS L 87 -21.83 -12.84 -24.58
N PHE L 88 -20.82 -13.61 -24.17
CA PHE L 88 -19.44 -13.14 -24.15
C PHE L 88 -18.57 -13.95 -25.11
NA NA M . 12.73 -2.08 55.08
CL CL N . -3.06 -12.83 44.63
CL CL O . 43.71 5.73 8.48
NA NA P . 4.66 13.59 -44.93
NA NA Q . -47.32 26.74 -26.02
#